data_4HS6
#
_entry.id   4HS6
#
_cell.length_a   71.091
_cell.length_b   90.821
_cell.length_c   72.681
_cell.angle_alpha   90.00
_cell.angle_beta   109.35
_cell.angle_gamma   90.00
#
_symmetry.space_group_name_H-M   'P 1 21 1'
#
loop_
_entity.id
_entity.type
_entity.pdbx_description
1 polymer E2-peptide
2 polymer 'MRCT10.v362 Fab light chain'
3 polymer 'MRCT10.v362 Fab heavy chain'
4 water water
#
loop_
_entity_poly.entity_id
_entity_poly.type
_entity_poly.pdbx_seq_one_letter_code
_entity_poly.pdbx_strand_id
1 'polypeptide(L)' QLINTNGSWHINGSGK Z,Y
2 'polypeptide(L)'
;DIVLTQSPSSLSASVGDRVTITCRASESVDGYGYSFLHWFQQKPGKAPKLLIYLASNLNSGVPSRFSGSGSGTDFTLTIS
SLQPEDFATYYCQQNNVDPWTFGQGTKLEIKRTVAAPSVFIFPPSDEQLKSGTASVVCLLNNFYPREAKVQWKVDNALQS
GNSQESVTEQDSKDSTYSLSSTLTLSKADYEKHKVYACEVTHQGLSSPVTKSFNRGEC
;
A,L
3 'polypeptide(L)'
;EVQLQESGPGLVKPSETLSLTCTVSGDSITSGYWNWIRQPPGRALEWMGYISYSGSTYYSLSLRSRITISRDTSKNQYSL
RLSSVTAADTAMYYCALITTSTYAMDYWGQGTTVTVSSASTKGPSVFPLAPSSKSTSGGTAALGCLVKDYFPEPVTVSWN
SGALTSGVHTFPAVLQSSGLYSLSSVVTVPSSSLGTQTYICNVNHKPSNTKVDKKVEPKSCDKTHT
;
B,H
#
# COMPACT_ATOMS: atom_id res chain seq x y z
N GLN A 1 -3.62 34.93 34.24
CA GLN A 1 -3.88 33.51 33.91
C GLN A 1 -3.34 32.63 35.05
N LEU A 2 -4.17 31.69 35.51
CA LEU A 2 -3.76 30.76 36.56
C LEU A 2 -2.72 29.78 36.01
N ILE A 3 -1.90 29.26 36.92
CA ILE A 3 -0.84 28.31 36.61
C ILE A 3 -1.19 26.99 37.29
N ASN A 4 -0.93 25.86 36.62
CA ASN A 4 -1.18 24.57 37.23
C ASN A 4 0.12 23.94 37.76
N THR A 5 0.06 23.46 39.01
CA THR A 5 1.16 22.70 39.62
C THR A 5 0.55 21.48 40.31
N ASN A 6 1.02 20.30 39.95
CA ASN A 6 0.58 19.05 40.58
C ASN A 6 -0.94 18.89 40.56
N GLY A 7 -1.57 19.37 39.48
CA GLY A 7 -3.00 19.16 39.26
C GLY A 7 -3.89 20.32 39.64
N SER A 8 -3.39 21.26 40.44
CA SER A 8 -4.21 22.35 40.94
C SER A 8 -3.80 23.70 40.34
N TRP A 9 -4.81 24.51 40.02
CA TRP A 9 -4.58 25.82 39.45
C TRP A 9 -4.46 26.85 40.57
N HIS A 10 -3.48 27.75 40.43
CA HIS A 10 -3.18 28.76 41.45
CA HIS A 10 -3.19 28.77 41.45
C HIS A 10 -2.70 30.05 40.81
N ILE A 11 -2.64 31.12 41.59
CA ILE A 11 -2.15 32.39 41.07
C ILE A 11 -0.63 32.31 40.86
N ASN A 12 -0.18 32.90 39.74
CA ASN A 12 1.24 33.12 39.42
C ASN A 12 1.45 33.32 37.92
N GLN B 1 5.30 8.43 -48.21
CA GLN B 1 3.86 8.12 -48.00
C GLN B 1 3.49 6.77 -48.61
N LEU B 2 4.31 5.78 -48.30
CA LEU B 2 3.99 4.40 -48.62
C LEU B 2 2.95 3.94 -47.61
N ILE B 3 2.20 2.90 -47.97
CA ILE B 3 1.32 2.26 -47.02
C ILE B 3 1.73 0.82 -46.88
N ASN B 4 1.43 0.26 -45.71
CA ASN B 4 1.81 -1.10 -45.42
C ASN B 4 0.59 -2.02 -45.49
N THR B 5 0.77 -3.16 -46.14
CA THR B 5 -0.22 -4.23 -46.17
C THR B 5 0.50 -5.56 -45.94
N ASN B 6 0.07 -6.31 -44.94
CA ASN B 6 0.60 -7.64 -44.66
C ASN B 6 2.12 -7.61 -44.52
N GLY B 7 2.63 -6.51 -43.98
CA GLY B 7 4.04 -6.40 -43.65
C GLY B 7 4.90 -5.68 -44.66
N SER B 8 4.41 -5.52 -45.88
CA SER B 8 5.23 -4.91 -46.92
C SER B 8 4.71 -3.53 -47.27
N TRP B 9 5.63 -2.59 -47.46
CA TRP B 9 5.30 -1.23 -47.84
C TRP B 9 5.15 -1.13 -49.36
N HIS B 10 4.23 -0.30 -49.79
CA HIS B 10 3.91 -0.16 -51.21
C HIS B 10 3.24 1.18 -51.47
N ILE B 11 3.04 1.50 -52.74
CA ILE B 11 2.43 2.78 -53.11
C ILE B 11 0.92 2.75 -52.86
N ASN B 12 0.38 3.92 -52.49
CA ASN B 12 -1.07 4.19 -52.37
C ASN B 12 -1.52 4.21 -50.92
N ASP C 1 -8.97 8.34 45.90
CA ASP C 1 -8.85 9.38 44.83
C ASP C 1 -10.22 9.98 44.54
N ILE C 2 -10.22 11.22 44.08
CA ILE C 2 -11.46 11.87 43.64
C ILE C 2 -12.11 11.02 42.53
N VAL C 3 -13.44 10.92 42.61
CA VAL C 3 -14.23 10.18 41.63
C VAL C 3 -15.33 11.08 41.10
N LEU C 4 -15.55 11.05 39.78
CA LEU C 4 -16.70 11.69 39.15
C LEU C 4 -17.69 10.61 38.76
N THR C 5 -18.92 10.73 39.25
CA THR C 5 -19.97 9.78 38.92
C THR C 5 -21.04 10.45 38.06
N GLN C 6 -21.24 9.95 36.84
CA GLN C 6 -22.31 10.43 35.95
C GLN C 6 -23.60 9.64 36.12
N SER C 7 -24.72 10.32 35.92
CA SER C 7 -26.03 9.68 35.96
C SER C 7 -26.92 10.35 34.91
N PRO C 8 -27.67 9.56 34.13
CA PRO C 8 -27.62 8.10 34.07
C PRO C 8 -26.42 7.66 33.24
N SER C 9 -26.15 6.36 33.20
CA SER C 9 -25.07 5.83 32.36
C SER C 9 -25.50 5.71 30.90
N SER C 10 -26.80 5.52 30.68
CA SER C 10 -27.33 5.53 29.33
C SER C 10 -28.74 6.08 29.34
N LEU C 11 -29.14 6.60 28.19
CA LEU C 11 -30.51 7.03 28.05
C LEU C 11 -30.90 7.05 26.59
N SER C 12 -32.20 6.81 26.38
CA SER C 12 -32.79 6.87 25.06
C SER C 12 -33.78 8.01 25.07
N ALA C 13 -33.79 8.76 23.99
CA ALA C 13 -34.67 9.91 23.86
C ALA C 13 -35.01 10.10 22.40
N SER C 14 -36.14 10.75 22.16
CA SER C 14 -36.57 11.02 20.81
C SER C 14 -36.05 12.39 20.39
N VAL C 15 -36.02 12.61 19.09
CA VAL C 15 -35.62 13.91 18.58
C VAL C 15 -36.52 15.01 19.13
N GLY C 16 -35.89 16.07 19.63
CA GLY C 16 -36.59 17.19 20.23
C GLY C 16 -36.77 17.11 21.75
N ASP C 17 -36.55 15.92 22.32
CA ASP C 17 -36.65 15.72 23.77
C ASP C 17 -35.56 16.49 24.49
N ARG C 18 -35.86 16.93 25.70
CA ARG C 18 -34.86 17.47 26.62
C ARG C 18 -34.00 16.32 27.17
N VAL C 19 -32.71 16.59 27.36
CA VAL C 19 -31.77 15.64 27.93
C VAL C 19 -31.05 16.29 29.10
N THR C 20 -31.00 15.60 30.23
CA THR C 20 -30.27 16.07 31.40
C THR C 20 -29.31 14.99 31.90
N ILE C 21 -28.03 15.33 32.00
CA ILE C 21 -26.99 14.42 32.48
C ILE C 21 -26.32 15.06 33.68
N THR C 22 -26.17 14.29 34.75
CA THR C 22 -25.59 14.79 35.98
CA THR C 22 -25.56 14.82 35.96
C THR C 22 -24.16 14.24 36.16
N CYS C 23 -23.32 15.01 36.84
CA CYS C 23 -21.98 14.59 37.23
C CYS C 23 -21.74 15.02 38.68
N ARG C 24 -21.51 14.06 39.57
CA ARG C 24 -21.24 14.34 40.98
C ARG C 24 -19.77 14.04 41.30
N ALA C 25 -19.09 15.03 41.87
CA ALA C 25 -17.70 14.87 42.30
C ALA C 25 -17.67 14.50 43.78
N SER C 26 -16.76 13.61 44.15
CA SER C 26 -16.62 13.17 45.54
C SER C 26 -16.04 14.28 46.44
N GLU C 27 -15.39 15.28 45.84
CA GLU C 27 -14.98 16.49 46.57
C GLU C 27 -15.02 17.68 45.62
N SER C 28 -14.92 18.89 46.19
CA SER C 28 -15.07 20.13 45.40
C SER C 28 -13.99 20.26 44.32
N VAL C 29 -14.43 20.60 43.12
CA VAL C 29 -13.50 20.87 42.02
C VAL C 29 -13.38 22.39 41.77
N ASP C 30 -13.75 23.18 42.77
CA ASP C 30 -13.71 24.63 42.64
C ASP C 30 -12.35 25.17 43.04
N GLY C 31 -12.03 26.32 42.47
CA GLY C 31 -10.87 27.09 42.89
C GLY C 31 -10.89 28.47 42.28
N TYR C 32 -10.58 29.47 43.09
CA TYR C 32 -10.45 30.86 42.63
C TYR C 32 -11.67 31.39 41.87
N GLY C 33 -12.85 30.93 42.27
CA GLY C 33 -14.10 31.40 41.69
C GLY C 33 -14.60 30.61 40.50
N TYR C 34 -13.80 29.62 40.07
CA TYR C 34 -14.14 28.73 38.97
C TYR C 34 -14.52 27.35 39.47
N SER C 35 -15.25 26.61 38.64
CA SER C 35 -15.49 25.19 38.84
C SER C 35 -14.77 24.50 37.69
N PHE C 36 -13.76 23.69 38.00
CA PHE C 36 -12.94 23.05 36.96
C PHE C 36 -13.56 21.71 36.56
N LEU C 37 -14.75 21.83 36.00
CA LEU C 37 -15.57 20.72 35.55
C LEU C 37 -16.01 21.03 34.12
N HIS C 38 -15.66 20.13 33.22
CA HIS C 38 -15.86 20.35 31.79
C HIS C 38 -16.62 19.19 31.19
N TRP C 39 -17.35 19.45 30.13
CA TRP C 39 -18.16 18.44 29.46
C TRP C 39 -17.69 18.24 28.03
N PHE C 40 -17.59 16.97 27.65
CA PHE C 40 -17.17 16.53 26.35
C PHE C 40 -18.23 15.67 25.67
N GLN C 41 -18.21 15.70 24.35
CA GLN C 41 -19.06 14.88 23.49
C GLN C 41 -18.16 14.02 22.63
N GLN C 42 -18.37 12.70 22.62
CA GLN C 42 -17.53 11.82 21.80
C GLN C 42 -18.37 10.97 20.87
N LYS C 43 -18.13 11.10 19.57
CA LYS C 43 -18.85 10.36 18.55
C LYS C 43 -18.01 9.18 18.16
N PRO C 44 -18.65 8.12 17.62
CA PRO C 44 -17.97 6.84 17.38
C PRO C 44 -16.71 7.01 16.56
N GLY C 45 -15.61 6.49 17.09
CA GLY C 45 -14.31 6.51 16.41
C GLY C 45 -13.56 7.82 16.43
N LYS C 46 -14.14 8.85 17.06
CA LYS C 46 -13.56 10.18 17.03
C LYS C 46 -13.06 10.65 18.39
N ALA C 47 -12.16 11.63 18.39
CA ALA C 47 -11.74 12.27 19.60
C ALA C 47 -12.91 13.01 20.27
N PRO C 48 -12.90 13.11 21.61
CA PRO C 48 -13.87 13.94 22.31
C PRO C 48 -13.77 15.41 21.86
N LYS C 49 -14.91 16.09 21.88
CA LYS C 49 -15.01 17.52 21.57
C LYS C 49 -15.49 18.23 22.82
N LEU C 50 -14.81 19.32 23.18
CA LEU C 50 -15.23 20.14 24.32
C LEU C 50 -16.55 20.85 24.01
N LEU C 51 -17.55 20.67 24.88
CA LEU C 51 -18.85 21.34 24.77
C LEU C 51 -18.97 22.54 25.71
N ILE C 52 -18.69 22.30 26.98
CA ILE C 52 -18.84 23.26 28.07
C ILE C 52 -17.56 23.27 28.87
N TYR C 53 -17.02 24.45 29.14
CA TYR C 53 -15.85 24.58 30.00
C TYR C 53 -16.16 25.36 31.27
N LEU C 54 -15.45 25.03 32.34
CA LEU C 54 -15.64 25.70 33.62
C LEU C 54 -17.11 25.73 34.03
N ALA C 55 -17.74 24.55 33.95
CA ALA C 55 -19.09 24.26 34.40
C ALA C 55 -20.22 24.84 33.55
N SER C 56 -20.08 26.09 33.16
CA SER C 56 -21.22 26.80 32.55
C SER C 56 -20.96 27.60 31.27
N ASN C 57 -19.74 27.54 30.73
CA ASN C 57 -19.38 28.32 29.56
C ASN C 57 -19.50 27.49 28.31
N LEU C 58 -20.33 27.92 27.37
CA LEU C 58 -20.50 27.22 26.12
C LEU C 58 -19.24 27.42 25.27
N ASN C 59 -18.64 26.33 24.83
CA ASN C 59 -17.46 26.44 23.98
C ASN C 59 -17.84 27.04 22.62
N SER C 60 -16.91 27.79 22.04
CA SER C 60 -17.16 28.44 20.76
C SER C 60 -17.54 27.42 19.70
N GLY C 61 -18.57 27.75 18.92
CA GLY C 61 -19.04 26.88 17.86
C GLY C 61 -20.05 25.82 18.28
N VAL C 62 -20.22 25.62 19.59
CA VAL C 62 -21.18 24.64 20.08
C VAL C 62 -22.59 25.23 20.04
N PRO C 63 -23.58 24.44 19.54
CA PRO C 63 -24.97 24.94 19.50
C PRO C 63 -25.51 25.37 20.87
N SER C 64 -26.36 26.39 20.89
CA SER C 64 -26.85 26.96 22.16
C SER C 64 -27.82 26.04 22.90
N ARG C 65 -28.30 24.97 22.27
CA ARG C 65 -29.13 23.95 22.94
C ARG C 65 -28.37 23.26 24.07
N PHE C 66 -27.05 23.35 24.03
CA PHE C 66 -26.21 22.79 25.10
C PHE C 66 -25.96 23.83 26.18
N SER C 67 -26.15 23.43 27.44
CA SER C 67 -25.79 24.29 28.55
C SER C 67 -25.30 23.46 29.73
N GLY C 68 -24.53 24.11 30.59
CA GLY C 68 -24.06 23.50 31.84
C GLY C 68 -24.37 24.33 33.06
N SER C 69 -24.55 23.64 34.18
CA SER C 69 -24.86 24.26 35.46
C SER C 69 -24.08 23.57 36.54
N GLY C 70 -24.03 24.21 37.71
CA GLY C 70 -23.47 23.57 38.90
C GLY C 70 -22.22 24.21 39.45
N SER C 71 -21.85 23.73 40.63
CA SER C 71 -20.87 24.36 41.50
C SER C 71 -20.40 23.27 42.45
N GLY C 72 -19.11 23.30 42.82
CA GLY C 72 -18.60 22.48 43.94
C GLY C 72 -18.49 21.01 43.61
N THR C 73 -19.55 20.27 43.95
CA THR C 73 -19.59 18.82 43.75
C THR C 73 -20.69 18.33 42.83
N ASP C 74 -21.60 19.22 42.40
CA ASP C 74 -22.76 18.78 41.62
C ASP C 74 -22.92 19.57 40.34
N PHE C 75 -22.97 18.86 39.22
CA PHE C 75 -23.01 19.49 37.89
C PHE C 75 -24.01 18.85 36.98
N THR C 76 -24.53 19.63 36.03
CA THR C 76 -25.54 19.16 35.08
C THR C 76 -25.23 19.68 33.67
N LEU C 77 -25.28 18.76 32.70
CA LEU C 77 -25.30 19.11 31.28
C LEU C 77 -26.73 18.96 30.80
N THR C 78 -27.25 19.98 30.12
CA THR C 78 -28.58 19.93 29.54
C THR C 78 -28.52 20.15 28.03
N ILE C 79 -29.21 19.29 27.27
CA ILE C 79 -29.55 19.56 25.87
C ILE C 79 -31.02 19.89 25.82
N SER C 80 -31.36 21.12 25.43
CA SER C 80 -32.74 21.60 25.57
C SER C 80 -33.74 20.83 24.72
N SER C 81 -33.37 20.63 23.45
CA SER C 81 -34.16 19.90 22.48
C SER C 81 -33.16 19.21 21.54
N LEU C 82 -33.07 17.89 21.70
CA LEU C 82 -32.09 17.03 21.02
CA LEU C 82 -31.99 17.17 21.02
C LEU C 82 -32.19 17.09 19.50
N GLN C 83 -31.04 17.07 18.81
CA GLN C 83 -30.98 16.89 17.37
C GLN C 83 -30.40 15.48 17.11
N PRO C 84 -30.66 14.90 15.92
CA PRO C 84 -30.16 13.55 15.63
C PRO C 84 -28.64 13.45 15.78
N GLU C 85 -27.93 14.51 15.42
CA GLU C 85 -26.46 14.53 15.52
C GLU C 85 -25.93 14.58 16.95
N ASP C 86 -26.83 14.66 17.94
CA ASP C 86 -26.40 14.63 19.34
C ASP C 86 -26.13 13.22 19.86
N PHE C 87 -26.42 12.21 19.03
CA PHE C 87 -26.03 10.86 19.37
C PHE C 87 -24.53 10.83 19.67
N ALA C 88 -24.17 10.38 20.88
CA ALA C 88 -22.77 10.41 21.32
C ALA C 88 -22.68 9.83 22.71
N THR C 89 -21.47 9.65 23.20
CA THR C 89 -21.22 9.45 24.62
C THR C 89 -20.71 10.76 25.19
N TYR C 90 -21.26 11.17 26.32
CA TYR C 90 -20.90 12.42 27.00
C TYR C 90 -20.10 12.14 28.26
N TYR C 91 -19.04 12.92 28.47
CA TYR C 91 -18.18 12.77 29.63
C TYR C 91 -18.00 14.08 30.36
N CYS C 92 -18.02 14.03 31.68
CA CYS C 92 -17.47 15.10 32.47
C CYS C 92 -15.99 14.86 32.79
N GLN C 93 -15.28 15.93 33.11
CA GLN C 93 -13.83 15.92 33.30
C GLN C 93 -13.49 16.98 34.34
N GLN C 94 -12.69 16.65 35.34
CA GLN C 94 -12.22 17.63 36.31
C GLN C 94 -10.71 17.74 36.29
N ASN C 95 -10.20 18.96 36.29
CA ASN C 95 -8.76 19.18 36.24
C ASN C 95 -8.27 20.20 37.27
N ASN C 96 -8.78 20.09 38.50
CA ASN C 96 -8.22 20.89 39.61
C ASN C 96 -7.84 20.11 40.86
N VAL C 97 -8.17 18.81 40.91
CA VAL C 97 -7.87 17.96 42.06
C VAL C 97 -7.03 16.78 41.57
N ASP C 98 -5.94 16.52 42.26
CA ASP C 98 -5.06 15.41 41.92
C ASP C 98 -5.67 14.11 42.40
N PRO C 99 -5.77 13.08 41.54
CA PRO C 99 -5.45 13.03 40.11
C PRO C 99 -6.61 13.49 39.25
N TRP C 100 -6.31 14.10 38.12
CA TRP C 100 -7.36 14.45 37.16
C TRP C 100 -8.11 13.21 36.70
N THR C 101 -9.41 13.36 36.46
CA THR C 101 -10.23 12.22 36.09
C THR C 101 -11.36 12.61 35.14
N PHE C 102 -11.95 11.58 34.54
CA PHE C 102 -13.17 11.68 33.74
C PHE C 102 -14.28 10.89 34.43
N GLY C 103 -15.51 11.26 34.17
CA GLY C 103 -16.66 10.41 34.48
C GLY C 103 -16.65 9.20 33.58
N GLN C 104 -17.53 8.24 33.87
CA GLN C 104 -17.52 6.97 33.13
CA GLN C 104 -17.54 6.96 33.15
C GLN C 104 -18.28 7.03 31.82
N GLY C 105 -18.91 8.18 31.54
CA GLY C 105 -19.63 8.38 30.31
C GLY C 105 -21.11 8.11 30.40
N THR C 106 -21.88 8.84 29.60
CA THR C 106 -23.31 8.62 29.42
C THR C 106 -23.58 8.46 27.93
N LYS C 107 -24.13 7.31 27.54
CA LYS C 107 -24.44 7.03 26.15
C LYS C 107 -25.85 7.51 25.87
N LEU C 108 -25.99 8.41 24.88
CA LEU C 108 -27.30 8.89 24.42
C LEU C 108 -27.68 8.19 23.14
N GLU C 109 -28.76 7.43 23.21
CA GLU C 109 -29.34 6.75 22.05
C GLU C 109 -30.58 7.51 21.60
N ILE C 110 -30.82 7.53 20.30
CA ILE C 110 -31.94 8.25 19.71
C ILE C 110 -33.04 7.28 19.27
N LYS C 111 -34.24 7.51 19.79
CA LYS C 111 -35.42 6.74 19.41
CA LYS C 111 -35.43 6.76 19.41
C LYS C 111 -36.09 7.42 18.22
N ARG C 112 -36.67 6.62 17.34
CA ARG C 112 -37.36 7.13 16.14
C ARG C 112 -38.34 6.08 15.61
N THR C 113 -38.98 6.38 14.49
CA THR C 113 -39.94 5.44 13.89
C THR C 113 -39.25 4.28 13.19
N VAL C 114 -40.03 3.23 12.93
CA VAL C 114 -39.53 2.04 12.28
C VAL C 114 -39.09 2.38 10.85
N ALA C 115 -37.97 1.81 10.44
CA ALA C 115 -37.49 1.91 9.07
C ALA C 115 -37.04 0.52 8.64
N ALA C 116 -37.61 0.02 7.54
CA ALA C 116 -37.24 -1.30 7.05
C ALA C 116 -35.85 -1.26 6.43
N PRO C 117 -35.10 -2.37 6.57
CA PRO C 117 -33.82 -2.47 5.89
C PRO C 117 -33.96 -2.71 4.40
N SER C 118 -33.02 -2.17 3.65
CA SER C 118 -32.80 -2.58 2.27
C SER C 118 -31.71 -3.66 2.33
N VAL C 119 -31.95 -4.77 1.66
CA VAL C 119 -31.11 -5.97 1.78
C VAL C 119 -30.36 -6.24 0.47
N PHE C 120 -29.07 -6.56 0.61
CA PHE C 120 -28.21 -6.90 -0.52
C PHE C 120 -27.35 -8.10 -0.15
N ILE C 121 -27.11 -8.97 -1.13
CA ILE C 121 -26.25 -10.14 -0.95
C ILE C 121 -25.08 -10.07 -1.95
N PHE C 122 -23.90 -10.47 -1.47
CA PHE C 122 -22.69 -10.46 -2.27
C PHE C 122 -22.02 -11.82 -2.25
N PRO C 123 -21.76 -12.40 -3.43
CA PRO C 123 -21.00 -13.62 -3.46
C PRO C 123 -19.52 -13.38 -3.13
N PRO C 124 -18.78 -14.45 -2.79
CA PRO C 124 -17.35 -14.33 -2.64
C PRO C 124 -16.69 -14.05 -3.98
N SER C 125 -15.58 -13.34 -3.94
CA SER C 125 -14.78 -13.05 -5.13
C SER C 125 -14.02 -14.30 -5.57
N ASP C 126 -13.73 -14.36 -6.87
CA ASP C 126 -12.88 -15.42 -7.42
C ASP C 126 -11.47 -15.38 -6.81
N GLU C 127 -10.95 -14.18 -6.54
N GLU C 127 -10.96 -14.19 -6.54
CA GLU C 127 -9.63 -14.05 -5.95
CA GLU C 127 -9.64 -14.02 -5.93
C GLU C 127 -9.56 -14.62 -4.53
C GLU C 127 -9.58 -14.66 -4.55
N GLN C 128 -10.62 -14.45 -3.73
CA GLN C 128 -10.68 -15.05 -2.40
C GLN C 128 -10.79 -16.57 -2.46
N LEU C 129 -11.51 -17.07 -3.46
CA LEU C 129 -11.69 -18.51 -3.61
C LEU C 129 -10.39 -19.27 -3.76
N LYS C 130 -9.44 -18.70 -4.51
CA LYS C 130 -8.11 -19.27 -4.64
C LYS C 130 -7.51 -19.64 -3.27
N SER C 131 -7.79 -18.80 -2.26
CA SER C 131 -7.21 -18.95 -0.93
C SER C 131 -7.80 -20.09 -0.10
N GLY C 132 -8.91 -20.67 -0.55
CA GLY C 132 -9.51 -21.82 0.14
C GLY C 132 -10.63 -21.47 1.10
N THR C 133 -11.00 -20.19 1.17
CA THR C 133 -12.10 -19.72 1.99
C THR C 133 -13.04 -18.86 1.14
N ALA C 134 -14.33 -18.93 1.47
CA ALA C 134 -15.36 -18.13 0.80
C ALA C 134 -16.12 -17.34 1.85
N SER C 135 -16.18 -16.02 1.68
CA SER C 135 -17.02 -15.16 2.50
C SER C 135 -18.21 -14.68 1.69
N VAL C 136 -19.42 -14.94 2.21
CA VAL C 136 -20.65 -14.47 1.59
C VAL C 136 -21.19 -13.39 2.52
N VAL C 137 -21.53 -12.23 1.96
CA VAL C 137 -21.93 -11.08 2.78
C VAL C 137 -23.36 -10.65 2.48
N CYS C 138 -24.11 -10.43 3.55
CA CYS C 138 -25.46 -9.90 3.48
C CYS C 138 -25.45 -8.52 4.17
N LEU C 139 -25.93 -7.50 3.46
CA LEU C 139 -26.01 -6.14 3.96
C LEU C 139 -27.46 -5.77 4.23
N LEU C 140 -27.73 -5.25 5.43
CA LEU C 140 -29.02 -4.68 5.79
C LEU C 140 -28.77 -3.19 5.98
N ASN C 141 -29.35 -2.37 5.11
CA ASN C 141 -29.00 -0.94 5.09
C ASN C 141 -30.10 -0.04 5.63
N ASN C 142 -29.70 0.83 6.55
CA ASN C 142 -30.50 1.96 7.01
C ASN C 142 -31.86 1.56 7.59
N PHE C 143 -31.84 0.81 8.68
CA PHE C 143 -33.03 0.34 9.36
C PHE C 143 -33.13 0.80 10.80
N TYR C 144 -34.34 0.69 11.34
CA TYR C 144 -34.60 0.99 12.73
C TYR C 144 -35.86 0.23 13.16
N PRO C 145 -35.86 -0.38 14.36
CA PRO C 145 -34.85 -0.41 15.39
C PRO C 145 -33.69 -1.36 15.07
N ARG C 146 -32.70 -1.42 15.95
CA ARG C 146 -31.50 -2.24 15.74
CA ARG C 146 -31.53 -2.22 15.62
C ARG C 146 -31.80 -3.74 15.66
N GLU C 147 -32.87 -4.17 16.34
CA GLU C 147 -33.16 -5.60 16.42
C GLU C 147 -33.51 -6.18 15.05
N ALA C 148 -32.76 -7.20 14.65
CA ALA C 148 -32.94 -7.84 13.37
C ALA C 148 -32.44 -9.27 13.41
N LYS C 149 -33.09 -10.14 12.65
CA LYS C 149 -32.70 -11.54 12.56
C LYS C 149 -32.25 -11.85 11.15
N VAL C 150 -31.07 -12.44 11.00
CA VAL C 150 -30.54 -12.85 9.71
C VAL C 150 -30.27 -14.35 9.71
N GLN C 151 -30.92 -15.07 8.80
CA GLN C 151 -30.79 -16.52 8.66
C GLN C 151 -30.20 -16.87 7.29
N TRP C 152 -29.05 -17.53 7.32
CA TRP C 152 -28.40 -18.00 6.09
C TRP C 152 -28.95 -19.36 5.68
N LYS C 153 -29.09 -19.56 4.37
CA LYS C 153 -29.49 -20.84 3.82
C LYS C 153 -28.64 -21.16 2.59
N VAL C 154 -28.16 -22.40 2.53
CA VAL C 154 -27.35 -22.89 1.43
C VAL C 154 -28.04 -24.11 0.85
N ASP C 155 -28.40 -24.03 -0.42
CA ASP C 155 -29.26 -25.05 -1.06
C ASP C 155 -30.45 -25.39 -0.17
N ASN C 156 -31.08 -24.34 0.35
CA ASN C 156 -32.24 -24.45 1.24
C ASN C 156 -31.96 -25.06 2.63
N ALA C 157 -30.71 -25.36 2.92
CA ALA C 157 -30.33 -25.91 4.22
C ALA C 157 -29.95 -24.76 5.14
N LEU C 158 -30.61 -24.69 6.29
CA LEU C 158 -30.37 -23.61 7.25
C LEU C 158 -29.00 -23.73 7.89
N GLN C 159 -28.27 -22.61 7.93
CA GLN C 159 -26.91 -22.58 8.48
C GLN C 159 -26.93 -22.13 9.94
N SER C 160 -25.96 -22.62 10.71
CA SER C 160 -25.74 -22.18 12.08
C SER C 160 -24.27 -22.27 12.46
N GLY C 161 -23.79 -21.29 13.23
CA GLY C 161 -22.43 -21.30 13.76
C GLY C 161 -21.33 -20.79 12.85
N ASN C 162 -21.65 -20.55 11.58
CA ASN C 162 -20.66 -20.11 10.59
C ASN C 162 -20.91 -18.69 10.05
N SER C 163 -21.66 -17.89 10.81
CA SER C 163 -21.91 -16.49 10.46
C SER C 163 -21.58 -15.55 11.61
N GLN C 164 -21.14 -14.33 11.27
CA GLN C 164 -20.87 -13.28 12.25
C GLN C 164 -21.54 -11.99 11.80
N GLU C 165 -22.02 -11.20 12.75
CA GLU C 165 -22.71 -9.95 12.45
C GLU C 165 -21.96 -8.77 12.99
N SER C 166 -22.12 -7.64 12.29
CA SER C 166 -21.56 -6.38 12.75
C SER C 166 -22.55 -5.26 12.44
N VAL C 167 -22.75 -4.36 13.38
CA VAL C 167 -23.75 -3.31 13.26
C VAL C 167 -23.07 -1.96 13.44
N THR C 168 -23.47 -0.99 12.63
CA THR C 168 -22.96 0.36 12.74
C THR C 168 -23.57 1.03 13.96
N GLU C 169 -23.00 2.17 14.32
CA GLU C 169 -23.58 3.04 15.30
C GLU C 169 -24.71 3.84 14.64
N GLN C 170 -25.61 4.41 15.43
CA GLN C 170 -26.71 5.18 14.86
C GLN C 170 -26.17 6.29 13.97
N ASP C 171 -26.82 6.45 12.81
CA ASP C 171 -26.47 7.48 11.86
C ASP C 171 -26.72 8.87 12.46
N SER C 172 -25.78 9.79 12.21
CA SER C 172 -25.85 11.13 12.77
C SER C 172 -26.96 12.00 12.16
N LYS C 173 -27.52 11.58 11.01
CA LYS C 173 -28.59 12.34 10.36
C LYS C 173 -30.00 11.73 10.52
N ASP C 174 -30.14 10.41 10.34
CA ASP C 174 -31.47 9.79 10.40
C ASP C 174 -31.62 8.70 11.47
N SER C 175 -30.58 8.54 12.30
CA SER C 175 -30.62 7.67 13.48
C SER C 175 -30.78 6.17 13.17
N THR C 176 -30.59 5.79 11.91
CA THR C 176 -30.71 4.40 11.52
C THR C 176 -29.42 3.61 11.74
N TYR C 177 -29.54 2.30 11.62
CA TYR C 177 -28.43 1.37 11.71
C TYR C 177 -28.26 0.70 10.36
N SER C 178 -27.06 0.21 10.09
CA SER C 178 -26.85 -0.77 9.05
C SER C 178 -26.09 -1.93 9.66
N LEU C 179 -26.20 -3.09 9.01
CA LEU C 179 -25.65 -4.32 9.55
C LEU C 179 -25.10 -5.17 8.42
N SER C 180 -23.97 -5.82 8.71
CA SER C 180 -23.44 -6.85 7.84
C SER C 180 -23.56 -8.21 8.53
N SER C 181 -23.89 -9.23 7.76
CA SER C 181 -23.77 -10.61 8.22
C SER C 181 -22.89 -11.34 7.22
N THR C 182 -21.85 -11.98 7.74
CA THR C 182 -20.85 -12.63 6.90
C THR C 182 -20.85 -14.13 7.19
N LEU C 183 -21.12 -14.91 6.14
CA LEU C 183 -21.10 -16.37 6.20
C LEU C 183 -19.75 -16.84 5.69
N THR C 184 -19.04 -17.63 6.49
CA THR C 184 -17.73 -18.14 6.13
C THR C 184 -17.80 -19.64 5.86
N LEU C 185 -17.41 -20.03 4.66
CA LEU C 185 -17.38 -21.44 4.23
C LEU C 185 -16.00 -21.81 3.70
N SER C 186 -15.70 -23.10 3.71
CA SER C 186 -14.55 -23.61 2.97
C SER C 186 -14.82 -23.47 1.47
N LYS C 187 -13.76 -23.33 0.69
CA LYS C 187 -13.88 -23.32 -0.78
C LYS C 187 -14.58 -24.60 -1.25
N ALA C 188 -14.20 -25.73 -0.67
CA ALA C 188 -14.81 -27.04 -0.96
C ALA C 188 -16.32 -27.01 -0.72
N ASP C 189 -16.69 -26.56 0.48
CA ASP C 189 -18.11 -26.42 0.87
C ASP C 189 -18.88 -25.43 -0.01
N TYR C 190 -18.22 -24.34 -0.39
CA TYR C 190 -18.86 -23.36 -1.27
C TYR C 190 -19.15 -23.93 -2.65
N GLU C 191 -18.19 -24.69 -3.18
CA GLU C 191 -18.30 -25.21 -4.54
C GLU C 191 -19.22 -26.43 -4.65
N LYS C 192 -19.58 -27.05 -3.53
CA LYS C 192 -20.51 -28.20 -3.54
C LYS C 192 -21.99 -27.79 -3.52
N HIS C 193 -22.28 -26.52 -3.24
CA HIS C 193 -23.66 -26.02 -3.21
C HIS C 193 -23.91 -24.89 -4.22
N LYS C 194 -25.17 -24.61 -4.50
CA LYS C 194 -25.56 -23.70 -5.58
C LYS C 194 -26.22 -22.41 -5.13
N VAL C 195 -27.29 -22.54 -4.35
CA VAL C 195 -28.13 -21.39 -3.99
C VAL C 195 -27.74 -20.87 -2.61
N TYR C 196 -27.37 -19.60 -2.56
CA TYR C 196 -26.99 -18.93 -1.32
C TYR C 196 -27.99 -17.82 -1.05
N ALA C 197 -28.57 -17.85 0.15
CA ALA C 197 -29.65 -16.93 0.49
C ALA C 197 -29.54 -16.41 1.91
N CYS C 198 -29.85 -15.12 2.07
CA CYS C 198 -29.93 -14.45 3.35
CA CYS C 198 -29.96 -14.52 3.39
C CYS C 198 -31.37 -13.99 3.59
N GLU C 199 -31.95 -14.41 4.71
CA GLU C 199 -33.34 -14.12 5.05
C GLU C 199 -33.36 -13.15 6.22
N VAL C 200 -34.03 -12.03 6.04
CA VAL C 200 -34.05 -10.96 7.03
C VAL C 200 -35.44 -10.78 7.64
N THR C 201 -35.50 -10.85 8.96
CA THR C 201 -36.71 -10.60 9.73
C THR C 201 -36.49 -9.31 10.54
N HIS C 202 -37.41 -8.37 10.39
CA HIS C 202 -37.29 -7.06 11.03
C HIS C 202 -38.68 -6.46 11.15
N GLN C 203 -38.89 -5.64 12.17
CA GLN C 203 -40.21 -5.05 12.46
C GLN C 203 -40.83 -4.31 11.28
N GLY C 204 -39.97 -3.66 10.50
CA GLY C 204 -40.41 -2.87 9.33
C GLY C 204 -40.82 -3.66 8.11
N LEU C 205 -40.62 -4.98 8.16
CA LEU C 205 -40.99 -5.88 7.08
C LEU C 205 -42.19 -6.74 7.50
N SER C 206 -43.26 -6.72 6.71
CA SER C 206 -44.46 -7.48 7.06
C SER C 206 -44.21 -9.00 7.04
N SER C 207 -43.25 -9.42 6.22
CA SER C 207 -42.82 -10.81 6.14
C SER C 207 -41.32 -10.80 5.82
N PRO C 208 -40.58 -11.87 6.21
CA PRO C 208 -39.15 -11.86 5.94
C PRO C 208 -38.76 -11.66 4.47
N VAL C 209 -37.66 -10.94 4.26
CA VAL C 209 -37.13 -10.67 2.93
C VAL C 209 -35.91 -11.53 2.70
N THR C 210 -35.86 -12.20 1.55
CA THR C 210 -34.74 -13.07 1.20
C THR C 210 -34.06 -12.54 -0.06
N LYS C 211 -32.74 -12.41 0.00
CA LYS C 211 -31.95 -12.14 -1.17
C LYS C 211 -31.07 -13.36 -1.40
N SER C 212 -30.92 -13.74 -2.67
CA SER C 212 -30.16 -14.94 -3.01
C SER C 212 -29.40 -14.81 -4.32
N PHE C 213 -28.42 -15.69 -4.52
CA PHE C 213 -27.78 -15.85 -5.82
C PHE C 213 -27.46 -17.34 -6.04
N ASN C 214 -27.26 -17.71 -7.30
CA ASN C 214 -26.76 -19.03 -7.65
C ASN C 214 -25.26 -18.94 -7.92
N ARG C 215 -24.50 -19.82 -7.28
CA ARG C 215 -23.03 -19.84 -7.35
C ARG C 215 -22.50 -19.79 -8.79
N GLY C 216 -21.03 -19.89 -8.71
CA GLY C 216 -20.25 -20.06 -9.93
C GLY C 216 -19.73 -18.75 -10.47
N GLU C 217 -18.52 -18.78 -11.03
CA GLU C 217 -18.00 -17.63 -11.76
C GLU C 217 -18.72 -17.54 -13.09
N CYS C 218 -20.01 -17.87 -13.06
CA CYS C 218 -20.86 -17.87 -14.24
C CYS C 218 -20.83 -16.52 -14.97
N ASP D 1 11.00 -18.44 -42.28
CA ASP D 1 10.80 -16.98 -42.06
C ASP D 1 12.11 -16.22 -42.05
N ILE D 2 12.03 -14.94 -42.40
CA ILE D 2 13.18 -14.05 -42.34
C ILE D 2 13.74 -14.02 -40.92
N VAL D 3 15.07 -14.03 -40.84
CA VAL D 3 15.80 -13.96 -39.58
C VAL D 3 16.82 -12.83 -39.67
N LEU D 4 16.88 -12.01 -38.63
CA LEU D 4 17.96 -11.05 -38.44
C LEU D 4 18.96 -11.60 -37.42
N THR D 5 20.22 -11.71 -37.83
CA THR D 5 21.28 -12.26 -36.98
C THR D 5 22.30 -11.18 -36.63
N GLN D 6 22.40 -10.85 -35.35
CA GLN D 6 23.33 -9.82 -34.89
C GLN D 6 24.65 -10.45 -34.47
N SER D 7 25.73 -9.72 -34.73
CA SER D 7 27.06 -10.11 -34.27
C SER D 7 27.78 -8.88 -33.76
N PRO D 8 28.52 -9.02 -32.67
CA PRO D 8 28.56 -10.18 -31.79
C PRO D 8 27.32 -10.19 -30.92
N SER D 9 27.09 -11.28 -30.21
CA SER D 9 25.97 -11.32 -29.25
C SER D 9 26.28 -10.52 -28.00
N SER D 10 27.56 -10.42 -27.66
CA SER D 10 27.98 -9.58 -26.55
C SER D 10 29.39 -9.05 -26.76
N LEU D 11 29.64 -7.90 -26.15
CA LEU D 11 30.98 -7.33 -26.18
C LEU D 11 31.15 -6.31 -25.09
N SER D 12 32.42 -6.04 -24.78
CA SER D 12 32.79 -5.06 -23.78
C SER D 12 33.75 -4.08 -24.43
N ALA D 13 33.56 -2.80 -24.13
CA ALA D 13 34.43 -1.75 -24.63
C ALA D 13 34.53 -0.64 -23.60
N SER D 14 35.64 0.10 -23.63
CA SER D 14 35.88 1.17 -22.65
C SER D 14 35.32 2.51 -23.11
N VAL D 15 35.07 3.38 -22.16
CA VAL D 15 34.73 4.77 -22.47
C VAL D 15 35.78 5.33 -23.45
N GLY D 16 35.31 5.98 -24.51
CA GLY D 16 36.19 6.53 -25.54
C GLY D 16 36.46 5.60 -26.72
N ASP D 17 36.16 4.31 -26.59
CA ASP D 17 36.35 3.35 -27.67
C ASP D 17 35.27 3.48 -28.76
N ARG D 18 35.57 2.95 -29.94
CA ARG D 18 34.64 2.81 -31.04
C ARG D 18 34.13 1.36 -31.10
N VAL D 19 32.83 1.19 -31.25
CA VAL D 19 32.21 -0.13 -31.32
C VAL D 19 31.41 -0.23 -32.61
N THR D 20 31.47 -1.39 -33.25
CA THR D 20 30.69 -1.69 -34.46
C THR D 20 29.95 -3.02 -34.26
N ILE D 21 28.65 -3.01 -34.52
CA ILE D 21 27.79 -4.16 -34.35
C ILE D 21 27.11 -4.40 -35.68
N THR D 22 26.96 -5.66 -36.06
CA THR D 22 26.42 -6.00 -37.38
C THR D 22 25.06 -6.70 -37.26
N CYS D 23 24.25 -6.53 -38.30
CA CYS D 23 22.94 -7.18 -38.40
C CYS D 23 22.81 -7.70 -39.81
N ARG D 24 22.74 -9.02 -39.94
CA ARG D 24 22.57 -9.67 -41.24
CA ARG D 24 22.56 -9.65 -41.24
C ARG D 24 21.15 -10.19 -41.38
N ALA D 25 20.50 -9.85 -42.49
CA ALA D 25 19.16 -10.35 -42.77
C ALA D 25 19.27 -11.55 -43.71
N SER D 26 18.42 -12.54 -43.51
CA SER D 26 18.44 -13.76 -44.35
C SER D 26 17.93 -13.49 -45.77
N GLU D 27 17.26 -12.35 -45.96
CA GLU D 27 16.85 -11.89 -47.28
C GLU D 27 16.74 -10.37 -47.25
N SER D 28 16.67 -9.75 -48.43
CA SER D 28 16.63 -8.31 -48.51
C SER D 28 15.44 -7.69 -47.78
N VAL D 29 15.73 -6.63 -47.03
CA VAL D 29 14.70 -5.83 -46.37
C VAL D 29 14.51 -4.48 -47.09
N ASP D 30 14.98 -4.40 -48.34
CA ASP D 30 14.85 -3.17 -49.13
C ASP D 30 13.49 -3.10 -49.82
N GLY D 31 13.03 -1.89 -50.05
CA GLY D 31 11.88 -1.66 -50.92
C GLY D 31 11.73 -0.18 -51.25
N TYR D 32 11.36 0.13 -52.49
CA TYR D 32 11.10 1.51 -52.90
C TYR D 32 12.20 2.54 -52.63
N GLY D 33 13.45 2.09 -52.64
CA GLY D 33 14.60 2.97 -52.39
C GLY D 33 15.03 3.07 -50.95
N TYR D 34 14.31 2.41 -50.06
CA TYR D 34 14.67 2.34 -48.63
C TYR D 34 15.20 0.98 -48.22
N SER D 35 15.94 0.97 -47.10
CA SER D 35 16.22 -0.24 -46.37
C SER D 35 15.44 -0.15 -45.07
N PHE D 36 14.47 -1.06 -44.89
CA PHE D 36 13.59 -1.03 -43.72
C PHE D 36 14.23 -1.77 -42.55
N LEU D 37 15.35 -1.22 -42.09
CA LEU D 37 16.17 -1.81 -41.05
C LEU D 37 16.50 -0.69 -40.07
N HIS D 38 16.14 -0.89 -38.81
CA HIS D 38 16.21 0.16 -37.82
C HIS D 38 16.96 -0.35 -36.59
N TRP D 39 17.61 0.56 -35.88
CA TRP D 39 18.38 0.20 -34.68
C TRP D 39 17.80 0.82 -33.41
N PHE D 40 17.79 0.02 -32.34
CA PHE D 40 17.28 0.42 -31.04
C PHE D 40 18.31 0.14 -29.93
N GLN D 41 18.26 0.99 -28.89
CA GLN D 41 18.99 0.80 -27.65
C GLN D 41 17.99 0.47 -26.56
N GLN D 42 18.22 -0.61 -25.82
CA GLN D 42 17.34 -0.96 -24.71
C GLN D 42 18.10 -1.22 -23.42
N LYS D 43 17.75 -0.46 -22.38
CA LYS D 43 18.22 -0.71 -21.01
C LYS D 43 17.34 -1.81 -20.41
N PRO D 44 17.88 -2.61 -19.47
CA PRO D 44 17.09 -3.74 -18.96
C PRO D 44 15.75 -3.36 -18.36
N GLY D 45 14.67 -3.99 -18.84
CA GLY D 45 13.33 -3.76 -18.31
C GLY D 45 12.73 -2.41 -18.65
N LYS D 46 13.34 -1.72 -19.61
CA LYS D 46 12.87 -0.39 -20.03
C LYS D 46 12.54 -0.39 -21.51
N ALA D 47 11.72 0.58 -21.93
CA ALA D 47 11.35 0.64 -23.33
C ALA D 47 12.57 0.92 -24.20
N PRO D 48 12.67 0.24 -25.35
CA PRO D 48 13.71 0.53 -26.33
C PRO D 48 13.56 1.96 -26.85
N LYS D 49 14.68 2.55 -27.24
CA LYS D 49 14.67 3.85 -27.90
C LYS D 49 15.26 3.74 -29.30
N LEU D 50 14.58 4.34 -30.27
CA LEU D 50 15.04 4.36 -31.65
C LEU D 50 16.31 5.20 -31.79
N LEU D 51 17.35 4.60 -32.36
CA LEU D 51 18.61 5.29 -32.63
C LEU D 51 18.72 5.69 -34.10
N ILE D 52 18.51 4.71 -34.97
CA ILE D 52 18.75 4.86 -36.41
C ILE D 52 17.54 4.28 -37.15
N TYR D 53 16.98 5.05 -38.08
CA TYR D 53 15.90 4.55 -38.90
C TYR D 53 16.31 4.45 -40.36
N LEU D 54 15.69 3.51 -41.07
CA LEU D 54 15.95 3.30 -42.47
C LEU D 54 17.46 3.18 -42.75
N ALA D 55 18.10 2.35 -41.94
CA ALA D 55 19.51 1.96 -42.09
C ALA D 55 20.54 3.02 -41.73
N SER D 56 20.35 4.27 -42.13
CA SER D 56 21.42 5.28 -42.01
C SER D 56 21.03 6.63 -41.41
N ASN D 57 19.78 6.78 -40.99
CA ASN D 57 19.29 8.07 -40.54
C ASN D 57 19.29 8.18 -39.03
N LEU D 58 20.01 9.16 -38.51
CA LEU D 58 20.03 9.38 -37.07
C LEU D 58 18.69 9.94 -36.63
N ASN D 59 18.06 9.29 -35.66
CA ASN D 59 16.79 9.75 -35.12
C ASN D 59 16.99 11.06 -34.35
N SER D 60 15.97 11.93 -34.39
CA SER D 60 16.02 13.23 -33.72
C SER D 60 16.34 13.10 -32.22
N GLY D 61 17.32 13.87 -31.76
CA GLY D 61 17.68 13.90 -30.35
C GLY D 61 18.76 12.92 -29.96
N VAL D 62 19.07 11.96 -30.84
CA VAL D 62 20.04 10.91 -30.53
C VAL D 62 21.45 11.48 -30.73
N PRO D 63 22.36 11.20 -29.78
CA PRO D 63 23.73 11.71 -29.91
C PRO D 63 24.37 11.36 -31.25
N SER D 64 25.18 12.29 -31.78
CA SER D 64 25.82 12.11 -33.09
C SER D 64 26.87 10.99 -33.12
N ARG D 65 27.30 10.52 -31.95
CA ARG D 65 28.20 9.36 -31.87
C ARG D 65 27.60 8.04 -32.39
N PHE D 66 26.28 8.02 -32.59
CA PHE D 66 25.61 6.88 -33.18
C PHE D 66 25.46 7.06 -34.69
N SER D 67 25.81 6.05 -35.46
CA SER D 67 25.59 6.06 -36.91
C SER D 67 25.29 4.64 -37.41
N GLY D 68 24.57 4.55 -38.52
CA GLY D 68 24.27 3.27 -39.14
C GLY D 68 24.57 3.27 -40.63
N SER D 69 24.87 2.08 -41.17
CA SER D 69 25.14 1.90 -42.59
CA SER D 69 25.12 1.90 -42.59
C SER D 69 24.65 0.54 -43.08
N GLY D 70 24.52 0.40 -44.38
CA GLY D 70 24.18 -0.87 -44.98
C GLY D 70 22.96 -0.80 -45.88
N SER D 71 22.69 -1.91 -46.55
CA SER D 71 21.55 -2.05 -47.43
C SER D 71 21.35 -3.52 -47.73
N GLY D 72 20.17 -3.86 -48.21
CA GLY D 72 19.85 -5.21 -48.62
C GLY D 72 19.81 -6.21 -47.47
N THR D 73 20.93 -6.93 -47.29
CA THR D 73 21.02 -7.94 -46.24
C THR D 73 22.07 -7.66 -45.16
N ASP D 74 22.88 -6.61 -45.33
CA ASP D 74 24.01 -6.38 -44.42
C ASP D 74 24.01 -4.97 -43.86
N PHE D 75 24.04 -4.89 -42.53
CA PHE D 75 23.90 -3.62 -41.83
C PHE D 75 24.83 -3.53 -40.65
N THR D 76 25.19 -2.30 -40.30
CA THR D 76 26.13 -2.03 -39.22
CA THR D 76 26.12 -2.04 -39.20
C THR D 76 25.70 -0.80 -38.42
N LEU D 77 25.78 -0.90 -37.10
CA LEU D 77 25.65 0.22 -36.18
C LEU D 77 27.04 0.51 -35.63
N THR D 78 27.43 1.77 -35.67
CA THR D 78 28.70 2.20 -35.09
C THR D 78 28.47 3.24 -34.00
N ILE D 79 29.11 3.03 -32.84
CA ILE D 79 29.15 4.03 -31.79
C ILE D 79 30.58 4.53 -31.71
N SER D 80 30.82 5.79 -32.01
CA SER D 80 32.18 6.28 -32.30
C SER D 80 33.10 6.53 -31.09
N SER D 81 32.53 7.06 -30.01
CA SER D 81 33.29 7.37 -28.79
C SER D 81 32.41 7.08 -27.59
N LEU D 82 32.59 5.88 -27.04
CA LEU D 82 31.66 5.33 -26.05
C LEU D 82 31.61 6.17 -24.78
N GLN D 83 30.40 6.34 -24.26
CA GLN D 83 30.16 7.00 -22.99
C GLN D 83 29.64 5.93 -22.01
N PRO D 84 29.81 6.16 -20.69
CA PRO D 84 29.43 5.11 -19.75
C PRO D 84 27.93 4.79 -19.76
N GLU D 85 27.10 5.75 -20.17
CA GLU D 85 25.66 5.51 -20.28
C GLU D 85 25.25 4.66 -21.49
N ASP D 86 26.22 4.21 -22.28
CA ASP D 86 25.92 3.46 -23.51
C ASP D 86 25.76 1.96 -23.30
N PHE D 87 25.99 1.45 -22.08
CA PHE D 87 25.69 0.06 -21.81
C PHE D 87 24.21 -0.17 -22.09
N ALA D 88 23.91 -1.24 -22.81
CA ALA D 88 22.55 -1.56 -23.21
C ALA D 88 22.58 -2.82 -24.03
N THR D 89 21.40 -3.33 -24.35
CA THR D 89 21.26 -4.31 -25.43
C THR D 89 20.78 -3.53 -26.65
N TYR D 90 21.48 -3.72 -27.76
CA TYR D 90 21.17 -3.05 -29.01
C TYR D 90 20.48 -4.05 -29.92
N TYR D 91 19.39 -3.62 -30.55
CA TYR D 91 18.61 -4.50 -31.44
C TYR D 91 18.48 -3.88 -32.81
N CYS D 92 18.56 -4.72 -33.85
CA CYS D 92 18.04 -4.33 -35.16
C CYS D 92 16.62 -4.85 -35.32
N GLN D 93 15.87 -4.20 -36.20
CA GLN D 93 14.45 -4.49 -36.43
C GLN D 93 14.14 -4.26 -37.90
N GLN D 94 13.44 -5.18 -38.53
CA GLN D 94 13.03 -5.00 -39.94
C GLN D 94 11.51 -5.03 -40.06
N ASN D 95 10.98 -4.13 -40.88
CA ASN D 95 9.52 -4.02 -41.03
C ASN D 95 9.07 -3.88 -42.48
N ASN D 96 9.64 -4.71 -43.35
CA ASN D 96 9.18 -4.82 -44.74
C ASN D 96 8.95 -6.24 -45.27
N VAL D 97 9.35 -7.25 -44.50
CA VAL D 97 9.14 -8.65 -44.88
C VAL D 97 8.30 -9.32 -43.80
N ASP D 98 7.23 -10.01 -44.22
CA ASP D 98 6.41 -10.78 -43.30
C ASP D 98 7.14 -12.04 -42.90
N PRO D 99 7.26 -12.32 -41.58
CA PRO D 99 6.83 -11.50 -40.44
C PRO D 99 7.89 -10.51 -39.99
N TRP D 100 7.44 -9.36 -39.52
CA TRP D 100 8.34 -8.38 -38.89
C TRP D 100 9.08 -9.04 -37.74
N THR D 101 10.35 -8.68 -37.58
CA THR D 101 11.17 -9.31 -36.58
C THR D 101 12.22 -8.36 -36.01
N PHE D 102 12.79 -8.78 -34.89
CA PHE D 102 13.97 -8.14 -34.31
C PHE D 102 15.10 -9.14 -34.34
N GLY D 103 16.33 -8.63 -34.35
CA GLY D 103 17.50 -9.47 -34.08
C GLY D 103 17.49 -9.92 -32.62
N GLN D 104 18.45 -10.76 -32.25
CA GLN D 104 18.49 -11.35 -30.92
CA GLN D 104 18.47 -11.33 -30.91
C GLN D 104 19.13 -10.41 -29.90
N GLY D 105 19.68 -9.29 -30.36
CA GLY D 105 20.28 -8.31 -29.50
C GLY D 105 21.77 -8.51 -29.35
N THR D 106 22.46 -7.39 -29.16
CA THR D 106 23.88 -7.38 -28.81
C THR D 106 24.01 -6.67 -27.48
N LYS D 107 24.52 -7.37 -26.47
CA LYS D 107 24.66 -6.79 -25.14
C LYS D 107 26.05 -6.16 -24.98
N LEU D 108 26.07 -4.84 -24.77
CA LEU D 108 27.30 -4.07 -24.66
C LEU D 108 27.54 -3.72 -23.21
N GLU D 109 28.69 -4.16 -22.69
CA GLU D 109 29.16 -3.82 -21.35
C GLU D 109 30.22 -2.74 -21.48
N ILE D 110 30.23 -1.78 -20.54
CA ILE D 110 31.29 -0.79 -20.49
C ILE D 110 32.42 -1.33 -19.60
N LYS D 111 33.54 -1.62 -20.24
CA LYS D 111 34.78 -2.06 -19.59
C LYS D 111 35.38 -0.92 -18.80
N ARG D 112 35.97 -1.25 -17.65
CA ARG D 112 36.65 -0.27 -16.81
C ARG D 112 37.71 -0.98 -15.99
N THR D 113 38.40 -0.23 -15.14
CA THR D 113 39.41 -0.82 -14.28
C THR D 113 38.82 -1.65 -13.13
N VAL D 114 39.64 -2.51 -12.56
CA VAL D 114 39.20 -3.36 -11.46
C VAL D 114 38.84 -2.50 -10.25
N ALA D 115 37.75 -2.87 -9.59
CA ALA D 115 37.30 -2.22 -8.35
C ALA D 115 36.83 -3.31 -7.40
N ALA D 116 37.43 -3.37 -6.21
CA ALA D 116 37.05 -4.37 -5.21
C ALA D 116 35.70 -4.03 -4.60
N PRO D 117 34.93 -5.07 -4.23
CA PRO D 117 33.65 -4.80 -3.58
C PRO D 117 33.80 -4.40 -2.13
N SER D 118 32.86 -3.60 -1.66
CA SER D 118 32.68 -3.37 -0.24
C SER D 118 31.62 -4.33 0.22
N VAL D 119 31.91 -5.09 1.28
CA VAL D 119 31.04 -6.19 1.71
C VAL D 119 30.31 -5.89 3.02
N PHE D 120 29.03 -6.26 3.07
CA PHE D 120 28.17 -6.06 4.24
C PHE D 120 27.34 -7.32 4.45
N ILE D 121 27.15 -7.71 5.71
CA ILE D 121 26.27 -8.83 6.06
C ILE D 121 25.11 -8.34 6.94
N PHE D 122 23.93 -8.89 6.70
CA PHE D 122 22.71 -8.51 7.42
C PHE D 122 22.05 -9.76 7.99
N PRO D 123 21.85 -9.80 9.33
CA PRO D 123 21.11 -10.91 9.90
C PRO D 123 19.63 -10.80 9.57
N PRO D 124 18.89 -11.91 9.70
CA PRO D 124 17.44 -11.79 9.57
C PRO D 124 16.86 -10.93 10.69
N SER D 125 15.75 -10.28 10.39
CA SER D 125 15.00 -9.54 11.38
C SER D 125 14.28 -10.49 12.33
N ASP D 126 14.04 -10.05 13.56
CA ASP D 126 13.26 -10.83 14.53
C ASP D 126 11.86 -11.09 14.01
N GLU D 127 11.29 -10.09 13.31
CA GLU D 127 9.95 -10.21 12.75
C GLU D 127 9.84 -11.37 11.77
N GLN D 128 10.80 -11.46 10.85
CA GLN D 128 10.80 -12.55 9.89
C GLN D 128 10.97 -13.90 10.61
N LEU D 129 11.93 -13.95 11.53
CA LEU D 129 12.26 -15.16 12.27
C LEU D 129 11.03 -15.77 12.95
N LYS D 130 10.23 -14.91 13.59
CA LYS D 130 8.95 -15.32 14.16
C LYS D 130 8.09 -16.11 13.19
N SER D 131 8.08 -15.69 11.93
CA SER D 131 7.24 -16.32 10.92
C SER D 131 7.80 -17.65 10.42
N GLY D 132 9.01 -18.02 10.85
CA GLY D 132 9.53 -19.38 10.64
C GLY D 132 10.64 -19.49 9.60
N THR D 133 11.06 -18.37 9.02
CA THR D 133 12.11 -18.34 8.00
C THR D 133 13.16 -17.29 8.36
N ALA D 134 14.41 -17.56 7.99
CA ALA D 134 15.49 -16.62 8.18
C ALA D 134 16.13 -16.35 6.82
N SER D 135 16.15 -15.09 6.40
CA SER D 135 16.92 -14.66 5.24
C SER D 135 18.14 -13.92 5.72
N VAL D 136 19.32 -14.36 5.29
CA VAL D 136 20.58 -13.72 5.63
C VAL D 136 21.14 -13.13 4.34
N VAL D 137 21.49 -11.84 4.36
CA VAL D 137 21.82 -11.14 3.13
C VAL D 137 23.27 -10.65 3.18
N CYS D 138 24.00 -10.97 2.12
CA CYS D 138 25.38 -10.51 1.93
C CYS D 138 25.35 -9.57 0.72
N LEU D 139 25.83 -8.36 0.92
CA LEU D 139 25.90 -7.33 -0.12
C LEU D 139 27.35 -7.12 -0.53
N LEU D 140 27.58 -7.16 -1.83
CA LEU D 140 28.84 -6.78 -2.45
C LEU D 140 28.57 -5.49 -3.21
N ASN D 141 29.16 -4.38 -2.77
CA ASN D 141 28.81 -3.08 -3.33
C ASN D 141 29.90 -2.50 -4.21
N ASN D 142 29.49 -2.07 -5.40
CA ASN D 142 30.27 -1.22 -6.31
C ASN D 142 31.62 -1.81 -6.72
N PHE D 143 31.55 -2.88 -7.53
CA PHE D 143 32.73 -3.62 -7.92
C PHE D 143 32.79 -3.85 -9.43
N TYR D 144 33.97 -4.24 -9.88
CA TYR D 144 34.19 -4.58 -11.29
C TYR D 144 35.45 -5.44 -11.36
N PRO D 145 35.42 -6.54 -12.15
CA PRO D 145 34.37 -7.04 -13.04
C PRO D 145 33.24 -7.71 -12.31
N ARG D 146 32.24 -8.13 -13.07
CA ARG D 146 31.02 -8.72 -12.54
C ARG D 146 31.28 -10.03 -11.81
N GLU D 147 32.28 -10.79 -12.26
CA GLU D 147 32.58 -12.09 -11.67
C GLU D 147 33.00 -11.96 -10.21
N ALA D 148 32.34 -12.74 -9.35
CA ALA D 148 32.64 -12.76 -7.92
C ALA D 148 32.18 -14.11 -7.36
N LYS D 149 32.96 -14.67 -6.44
CA LYS D 149 32.57 -15.89 -5.77
C LYS D 149 32.13 -15.54 -4.35
N VAL D 150 30.91 -15.97 -4.00
CA VAL D 150 30.35 -15.74 -2.67
C VAL D 150 29.98 -17.08 -2.05
N GLN D 151 30.69 -17.44 -0.99
CA GLN D 151 30.44 -18.67 -0.26
C GLN D 151 29.84 -18.37 1.11
N TRP D 152 28.79 -19.10 1.45
CA TRP D 152 28.20 -19.07 2.78
C TRP D 152 28.80 -20.18 3.63
N LYS D 153 29.22 -19.82 4.84
CA LYS D 153 29.70 -20.78 5.84
C LYS D 153 28.88 -20.59 7.10
N VAL D 154 28.39 -21.69 7.65
CA VAL D 154 27.64 -21.68 8.90
C VAL D 154 28.37 -22.57 9.90
N ASP D 155 28.95 -21.93 10.93
CA ASP D 155 29.92 -22.57 11.83
C ASP D 155 31.05 -23.22 11.02
N ASN D 156 31.58 -22.45 10.06
CA ASN D 156 32.64 -22.89 9.16
C ASN D 156 32.27 -24.06 8.23
N ALA D 157 30.98 -24.41 8.19
CA ALA D 157 30.50 -25.48 7.32
C ALA D 157 30.01 -24.88 5.99
N LEU D 158 30.54 -25.37 4.88
CA LEU D 158 30.22 -24.80 3.55
C LEU D 158 28.80 -25.12 3.09
N GLN D 159 28.03 -24.07 2.83
CA GLN D 159 26.66 -24.18 2.40
C GLN D 159 26.53 -24.37 0.90
N SER D 160 25.56 -25.18 0.50
CA SER D 160 25.30 -25.41 -0.91
C SER D 160 23.80 -25.55 -1.12
N GLY D 161 23.29 -24.93 -2.18
CA GLY D 161 21.92 -25.15 -2.63
C GLY D 161 20.83 -24.33 -1.95
N ASN D 162 21.21 -23.54 -0.94
CA ASN D 162 20.24 -22.77 -0.15
C ASN D 162 20.45 -21.24 -0.25
N SER D 163 21.11 -20.79 -1.32
CA SER D 163 21.31 -19.37 -1.54
C SER D 163 21.01 -18.98 -2.98
N GLN D 164 20.64 -17.71 -3.17
CA GLN D 164 20.42 -17.17 -4.50
C GLN D 164 21.08 -15.80 -4.61
N GLU D 165 21.62 -15.50 -5.79
CA GLU D 165 22.30 -14.23 -6.06
C GLU D 165 21.49 -13.38 -7.02
N SER D 166 21.66 -12.06 -6.91
CA SER D 166 21.11 -11.11 -7.84
C SER D 166 22.12 -9.99 -8.05
N VAL D 167 22.20 -9.47 -9.28
CA VAL D 167 23.19 -8.46 -9.63
C VAL D 167 22.52 -7.26 -10.30
N THR D 168 22.97 -6.06 -9.96
CA THR D 168 22.47 -4.86 -10.61
C THR D 168 23.03 -4.73 -12.03
N GLU D 169 22.39 -3.88 -12.83
CA GLU D 169 23.05 -3.44 -14.06
C GLU D 169 24.15 -2.45 -13.72
N GLN D 170 25.01 -2.17 -14.70
CA GLN D 170 26.12 -1.24 -14.48
C GLN D 170 25.65 0.15 -14.07
N ASP D 171 26.42 0.78 -13.19
CA ASP D 171 26.19 2.16 -12.85
C ASP D 171 26.41 3.03 -14.09
N SER D 172 25.49 3.97 -14.31
CA SER D 172 25.50 4.77 -15.54
C SER D 172 26.66 5.75 -15.62
N LYS D 173 27.31 6.01 -14.49
CA LYS D 173 28.43 6.94 -14.41
C LYS D 173 29.77 6.22 -14.26
N ASP D 174 29.85 5.26 -13.32
CA ASP D 174 31.13 4.60 -13.05
C ASP D 174 31.23 3.13 -13.43
N SER D 175 30.18 2.58 -14.03
CA SER D 175 30.25 1.25 -14.64
C SER D 175 30.44 0.08 -13.68
N THR D 176 30.23 0.28 -12.37
CA THR D 176 30.38 -0.79 -11.41
C THR D 176 29.07 -1.57 -11.27
N TYR D 177 29.20 -2.76 -10.67
CA TYR D 177 28.09 -3.63 -10.31
C TYR D 177 27.95 -3.69 -8.80
N SER D 178 26.75 -4.05 -8.34
CA SER D 178 26.55 -4.54 -6.98
C SER D 178 25.83 -5.87 -7.02
N LEU D 179 25.96 -6.66 -5.96
CA LEU D 179 25.43 -8.02 -5.91
C LEU D 179 24.92 -8.33 -4.51
N SER D 180 23.81 -9.05 -4.46
CA SER D 180 23.29 -9.63 -3.25
C SER D 180 23.34 -11.14 -3.33
N SER D 181 23.70 -11.78 -2.22
CA SER D 181 23.56 -13.22 -2.04
C SER D 181 22.69 -13.40 -0.81
N THR D 182 21.62 -14.15 -0.95
CA THR D 182 20.67 -14.35 0.14
C THR D 182 20.63 -15.82 0.49
N LEU D 183 20.92 -16.12 1.76
CA LEU D 183 20.85 -17.47 2.32
C LEU D 183 19.52 -17.62 3.03
N THR D 184 18.76 -18.65 2.67
CA THR D 184 17.44 -18.86 3.24
C THR D 184 17.39 -20.18 4.01
N LEU D 185 17.02 -20.08 5.29
CA LEU D 185 16.96 -21.23 6.17
C LEU D 185 15.64 -21.18 6.93
N SER D 186 15.16 -22.35 7.37
CA SER D 186 14.07 -22.40 8.36
C SER D 186 14.59 -21.80 9.66
N LYS D 187 13.70 -21.27 10.50
CA LYS D 187 14.13 -20.72 11.79
C LYS D 187 14.84 -21.78 12.64
N ALA D 188 14.33 -23.01 12.60
CA ALA D 188 14.94 -24.13 13.34
C ALA D 188 16.38 -24.37 12.89
N ASP D 189 16.58 -24.47 11.58
CA ASP D 189 17.92 -24.67 11.02
C ASP D 189 18.83 -23.48 11.29
N TYR D 190 18.25 -22.28 11.20
CA TYR D 190 18.97 -21.06 11.58
C TYR D 190 19.48 -21.11 13.02
N GLU D 191 18.63 -21.56 13.94
CA GLU D 191 18.91 -21.46 15.37
C GLU D 191 19.89 -22.48 15.94
N LYS D 192 20.22 -23.51 15.17
CA LYS D 192 21.19 -24.51 15.62
C LYS D 192 22.63 -24.20 15.21
N HIS D 193 22.88 -22.97 14.74
CA HIS D 193 24.23 -22.50 14.43
C HIS D 193 24.45 -21.11 14.98
N LYS D 194 25.69 -20.79 15.35
CA LYS D 194 26.03 -19.47 15.91
C LYS D 194 26.60 -18.53 14.87
N VAL D 195 27.69 -18.95 14.24
CA VAL D 195 28.46 -18.08 13.33
C VAL D 195 27.98 -18.17 11.88
N TYR D 196 27.49 -17.05 11.37
CA TYR D 196 27.09 -16.92 9.97
C TYR D 196 28.06 -16.03 9.23
N ALA D 197 28.63 -16.56 8.14
CA ALA D 197 29.69 -15.86 7.43
C ALA D 197 29.51 -15.92 5.92
N CYS D 198 29.74 -14.76 5.30
CA CYS D 198 29.78 -14.62 3.85
CA CYS D 198 29.82 -14.72 3.83
C CYS D 198 31.25 -14.36 3.44
N GLU D 199 31.81 -15.23 2.60
CA GLU D 199 33.19 -15.13 2.17
C GLU D 199 33.23 -14.74 0.70
N VAL D 200 33.90 -13.63 0.40
CA VAL D 200 33.91 -13.06 -0.93
C VAL D 200 35.28 -13.14 -1.59
N THR D 201 35.33 -13.79 -2.75
CA THR D 201 36.52 -13.83 -3.58
C THR D 201 36.24 -12.99 -4.83
N HIS D 202 37.18 -12.10 -5.14
CA HIS D 202 37.05 -11.21 -6.29
C HIS D 202 38.43 -10.77 -6.76
N GLN D 203 38.58 -10.54 -8.06
CA GLN D 203 39.85 -10.12 -8.66
C GLN D 203 40.51 -8.93 -7.97
N GLY D 204 39.69 -7.99 -7.52
CA GLY D 204 40.16 -6.79 -6.81
C GLY D 204 40.57 -7.00 -5.37
N LEU D 205 40.39 -8.24 -4.87
CA LEU D 205 40.80 -8.60 -3.51
C LEU D 205 41.98 -9.58 -3.56
N SER D 206 43.06 -9.25 -2.84
CA SER D 206 44.25 -10.10 -2.75
C SER D 206 43.96 -11.40 -2.05
N SER D 207 43.13 -11.30 -1.00
CA SER D 207 42.71 -12.44 -0.21
C SER D 207 41.20 -12.28 0.01
N PRO D 208 40.46 -13.41 0.13
CA PRO D 208 39.01 -13.26 0.33
C PRO D 208 38.65 -12.45 1.58
N VAL D 209 37.55 -11.70 1.47
CA VAL D 209 37.03 -10.90 2.58
C VAL D 209 35.86 -11.67 3.15
N THR D 210 35.83 -11.81 4.48
CA THR D 210 34.75 -12.47 5.18
C THR D 210 34.04 -11.47 6.11
N LYS D 211 32.72 -11.43 6.00
CA LYS D 211 31.86 -10.68 6.90
C LYS D 211 31.04 -11.71 7.65
N SER D 212 30.88 -11.50 8.96
CA SER D 212 30.15 -12.46 9.77
C SER D 212 29.44 -11.83 10.96
N PHE D 213 28.56 -12.62 11.57
CA PHE D 213 27.93 -12.27 12.83
C PHE D 213 27.63 -13.55 13.61
N ASN D 214 27.51 -13.41 14.93
CA ASN D 214 27.03 -14.47 15.78
C ASN D 214 25.53 -14.31 15.99
N ARG D 215 24.77 -15.36 15.70
CA ARG D 215 23.32 -15.38 15.90
C ARG D 215 22.93 -14.80 17.25
N GLY D 216 21.43 -14.71 16.90
CA GLY D 216 20.66 -14.32 18.06
C GLY D 216 20.32 -12.85 18.10
N GLU D 217 19.14 -12.52 18.61
CA GLU D 217 18.78 -11.15 18.92
C GLU D 217 19.48 -10.78 20.22
N CYS D 218 20.80 -10.87 20.20
CA CYS D 218 21.64 -10.67 21.37
C CYS D 218 21.28 -9.40 22.16
N GLU E 1 -4.75 27.41 12.70
CA GLU E 1 -5.43 26.95 13.97
CA GLU E 1 -5.33 26.97 13.99
C GLU E 1 -4.46 25.82 14.41
N VAL E 2 -4.35 25.64 15.73
CA VAL E 2 -3.56 24.54 16.27
C VAL E 2 -4.12 23.20 15.80
N GLN E 3 -3.21 22.29 15.44
CA GLN E 3 -3.55 20.92 15.11
C GLN E 3 -2.55 20.00 15.77
N LEU E 4 -3.05 18.91 16.32
CA LEU E 4 -2.26 17.90 17.00
C LEU E 4 -2.39 16.59 16.24
N GLN E 5 -1.28 15.85 16.11
CA GLN E 5 -1.27 14.57 15.41
C GLN E 5 -0.36 13.54 16.12
N GLU E 6 -0.96 12.44 16.54
CA GLU E 6 -0.26 11.34 17.17
C GLU E 6 0.42 10.47 16.12
N SER E 7 1.56 9.91 16.48
CA SER E 7 2.24 8.92 15.65
C SER E 7 3.03 7.96 16.51
N GLY E 8 3.30 6.80 15.93
CA GLY E 8 4.11 5.78 16.59
C GLY E 8 3.58 4.40 16.28
N PRO E 9 4.30 3.37 16.72
CA PRO E 9 3.91 2.01 16.41
C PRO E 9 2.55 1.68 17.00
N GLY E 10 1.79 0.87 16.26
CA GLY E 10 0.47 0.41 16.63
C GLY E 10 0.46 -0.92 17.35
N LEU E 11 1.62 -1.55 17.48
CA LEU E 11 1.75 -2.81 18.20
C LEU E 11 3.00 -2.74 19.06
N VAL E 12 2.86 -3.14 20.32
CA VAL E 12 3.98 -3.21 21.26
CA VAL E 12 3.97 -3.21 21.28
C VAL E 12 3.92 -4.55 22.01
N LYS E 13 5.07 -5.16 22.24
CA LYS E 13 5.10 -6.46 22.91
C LYS E 13 4.98 -6.31 24.42
N PRO E 14 4.31 -7.26 25.08
CA PRO E 14 4.30 -7.25 26.55
C PRO E 14 5.71 -7.14 27.13
N SER E 15 5.86 -6.30 28.16
CA SER E 15 7.13 -6.02 28.86
C SER E 15 7.96 -4.94 28.23
N GLU E 16 7.63 -4.54 27.01
CA GLU E 16 8.45 -3.60 26.30
C GLU E 16 7.87 -2.20 26.50
N THR E 17 8.53 -1.20 25.92
CA THR E 17 8.22 0.20 26.15
C THR E 17 7.43 0.77 24.98
N LEU E 18 6.33 1.45 25.32
CA LEU E 18 5.48 2.12 24.35
C LEU E 18 5.97 3.56 24.19
N SER E 19 6.19 3.98 22.95
CA SER E 19 6.54 5.36 22.66
C SER E 19 5.60 5.92 21.60
N LEU E 20 5.10 7.14 21.84
CA LEU E 20 4.29 7.89 20.87
C LEU E 20 4.75 9.32 20.82
N THR E 21 4.55 9.97 19.68
CA THR E 21 4.87 11.37 19.51
C THR E 21 3.63 12.12 19.06
N CYS E 22 3.49 13.35 19.56
CA CYS E 22 2.45 14.28 19.13
C CYS E 22 3.15 15.43 18.42
N THR E 23 2.86 15.60 17.13
CA THR E 23 3.43 16.68 16.34
C THR E 23 2.39 17.78 16.25
N VAL E 24 2.78 18.97 16.67
CA VAL E 24 1.89 20.11 16.76
C VAL E 24 2.17 21.10 15.64
N SER E 25 1.11 21.56 14.98
CA SER E 25 1.22 22.62 13.98
C SER E 25 0.30 23.79 14.36
N GLY E 26 0.60 24.97 13.85
CA GLY E 26 -0.28 26.14 14.04
C GLY E 26 -0.23 26.80 15.41
N ASP E 27 0.71 26.42 16.24
CA ASP E 27 0.83 26.95 17.61
C ASP E 27 2.14 26.41 18.12
N SER E 28 2.85 27.19 18.94
CA SER E 28 4.09 26.70 19.56
C SER E 28 3.78 25.98 20.88
N ILE E 29 4.49 24.90 21.15
CA ILE E 29 4.32 24.20 22.42
C ILE E 29 4.91 24.95 23.61
N THR E 30 5.46 26.14 23.36
CA THR E 30 5.84 27.04 24.45
C THR E 30 4.66 27.84 25.02
N SER E 31 3.44 27.51 24.59
CA SER E 31 2.22 27.95 25.26
C SER E 31 1.35 26.75 25.57
N GLY E 32 0.63 26.80 26.69
CA GLY E 32 -0.37 25.78 27.02
C GLY E 32 0.17 24.58 27.75
N TYR E 33 -0.73 23.62 27.97
CA TYR E 33 -0.45 22.36 28.65
C TYR E 33 -0.74 21.22 27.69
N TRP E 34 0.24 20.32 27.54
CA TRP E 34 0.27 19.31 26.49
C TRP E 34 0.12 17.94 27.12
N ASN E 35 -1.05 17.34 26.89
CA ASN E 35 -1.48 16.16 27.62
C ASN E 35 -1.48 14.89 26.78
N TRP E 36 -1.39 13.76 27.48
CA TRP E 36 -1.72 12.46 26.94
C TRP E 36 -2.92 11.88 27.69
N ILE E 37 -3.87 11.38 26.91
CA ILE E 37 -5.11 10.77 27.39
C ILE E 37 -5.22 9.43 26.65
N ARG E 38 -5.79 8.42 27.29
CA ARG E 38 -6.02 7.16 26.59
C ARG E 38 -7.41 6.61 26.86
N GLN E 39 -7.82 5.66 26.03
CA GLN E 39 -9.15 5.07 26.12
C GLN E 39 -9.11 3.63 25.66
N PRO E 40 -9.18 2.70 26.62
CA PRO E 40 -9.27 1.31 26.21
C PRO E 40 -10.57 1.07 25.43
N PRO E 41 -10.58 0.08 24.53
CA PRO E 41 -11.75 -0.15 23.67
C PRO E 41 -13.04 -0.24 24.48
N GLY E 42 -14.01 0.61 24.14
CA GLY E 42 -15.33 0.60 24.78
C GLY E 42 -15.39 1.10 26.22
N ARG E 43 -14.29 1.69 26.70
CA ARG E 43 -14.21 2.17 28.08
C ARG E 43 -14.04 3.68 28.16
N ALA E 44 -13.95 4.22 29.38
CA ALA E 44 -13.85 5.66 29.59
C ALA E 44 -12.46 6.21 29.30
N LEU E 45 -12.43 7.51 29.02
CA LEU E 45 -11.20 8.27 28.86
C LEU E 45 -10.43 8.28 30.18
N GLU E 46 -9.10 8.22 30.08
CA GLU E 46 -8.20 8.27 31.22
C GLU E 46 -7.09 9.28 30.94
N TRP E 47 -6.95 10.28 31.81
CA TRP E 47 -5.85 11.22 31.73
C TRP E 47 -4.57 10.60 32.27
N MET E 48 -3.47 10.80 31.54
CA MET E 48 -2.18 10.19 31.91
C MET E 48 -1.17 11.19 32.44
N GLY E 49 -1.08 12.36 31.82
CA GLY E 49 -0.06 13.32 32.20
C GLY E 49 0.00 14.50 31.26
N TYR E 50 0.71 15.54 31.69
CA TYR E 50 1.06 16.65 30.83
C TYR E 50 2.52 17.06 30.95
N ILE E 51 2.98 17.77 29.92
CA ILE E 51 4.14 18.63 29.99
C ILE E 51 3.64 20.03 29.64
N SER E 52 4.02 20.99 30.47
CA SER E 52 3.56 22.37 30.28
C SER E 52 4.48 23.13 29.34
N TYR E 53 4.04 24.36 29.03
CA TYR E 53 4.82 25.31 28.27
C TYR E 53 6.25 25.52 28.78
N SER E 54 6.46 25.28 30.08
CA SER E 54 7.77 25.52 30.71
C SER E 54 8.64 24.27 30.83
N GLY E 55 8.06 23.12 30.48
CA GLY E 55 8.73 21.83 30.70
C GLY E 55 8.41 21.17 32.03
N SER E 56 7.63 21.83 32.89
CA SER E 56 7.11 21.17 34.07
C SER E 56 6.22 20.02 33.63
N THR E 57 6.12 19.00 34.47
CA THR E 57 5.26 17.86 34.18
C THR E 57 4.32 17.57 35.34
N TYR E 58 3.29 16.81 35.03
CA TYR E 58 2.33 16.35 36.02
C TYR E 58 1.82 15.00 35.51
N TYR E 59 2.03 13.97 36.31
CA TYR E 59 1.71 12.61 35.91
C TYR E 59 0.67 11.98 36.83
N SER E 60 -0.17 11.13 36.27
CA SER E 60 -1.10 10.32 37.05
C SER E 60 -0.32 9.40 38.00
N LEU E 61 -0.65 9.44 39.29
CA LEU E 61 0.10 8.68 40.32
C LEU E 61 0.28 7.19 40.00
N SER E 62 -0.79 6.58 39.50
CA SER E 62 -0.78 5.14 39.21
C SER E 62 0.17 4.78 38.07
N LEU E 63 0.53 5.75 37.24
CA LEU E 63 1.45 5.55 36.12
C LEU E 63 2.88 6.06 36.36
N ARG E 64 3.11 6.74 37.48
CA ARG E 64 4.37 7.48 37.70
C ARG E 64 5.66 6.69 37.46
N SER E 65 5.70 5.45 37.94
CA SER E 65 6.91 4.65 37.82
C SER E 65 7.16 4.17 36.39
N ARG E 66 6.18 4.35 35.50
CA ARG E 66 6.30 3.85 34.13
C ARG E 66 6.29 4.94 33.07
N ILE E 67 5.90 6.17 33.43
CA ILE E 67 5.62 7.21 32.43
C ILE E 67 6.70 8.28 32.38
N THR E 68 6.95 8.77 31.17
CA THR E 68 7.71 9.99 30.95
C THR E 68 7.03 10.76 29.83
N ILE E 69 6.92 12.07 29.99
CA ILE E 69 6.54 12.95 28.88
C ILE E 69 7.68 13.93 28.65
N SER E 70 8.10 14.01 27.40
CA SER E 70 9.23 14.81 26.96
C SER E 70 8.80 15.70 25.83
N ARG E 71 9.67 16.60 25.43
CA ARG E 71 9.34 17.52 24.33
C ARG E 71 10.59 17.94 23.57
N ASP E 72 10.35 18.47 22.38
CA ASP E 72 11.41 19.08 21.58
C ASP E 72 10.80 20.27 20.87
N THR E 73 11.09 21.46 21.38
CA THR E 73 10.46 22.67 20.84
C THR E 73 10.96 23.03 19.45
N SER E 74 12.15 22.55 19.08
CA SER E 74 12.65 22.75 17.71
C SER E 74 11.80 21.96 16.69
N LYS E 75 11.29 20.81 17.11
CA LYS E 75 10.45 19.98 16.24
C LYS E 75 8.96 20.26 16.48
N ASN E 76 8.67 21.06 17.50
CA ASN E 76 7.33 21.33 17.97
C ASN E 76 6.53 20.04 18.18
N GLN E 77 7.14 19.15 18.96
CA GLN E 77 6.55 17.86 19.26
C GLN E 77 6.67 17.60 20.75
N TYR E 78 5.78 16.76 21.28
CA TYR E 78 6.03 16.16 22.58
C TYR E 78 5.72 14.66 22.52
N SER E 79 6.25 13.92 23.47
CA SER E 79 6.22 12.46 23.38
C SER E 79 5.89 11.79 24.68
N LEU E 80 5.34 10.59 24.56
CA LEU E 80 4.97 9.73 25.68
C LEU E 80 5.87 8.51 25.65
N ARG E 81 6.39 8.14 26.82
CA ARG E 81 7.08 6.88 27.02
C ARG E 81 6.38 6.16 28.16
N LEU E 82 6.02 4.91 27.95
CA LEU E 82 5.33 4.11 28.95
C LEU E 82 5.99 2.74 29.00
N SER E 83 6.67 2.44 30.11
CA SER E 83 7.48 1.23 30.20
C SER E 83 6.66 0.02 30.65
N SER E 84 7.26 -1.15 30.46
CA SER E 84 6.73 -2.42 30.98
C SER E 84 5.25 -2.60 30.72
N VAL E 85 4.85 -2.51 29.44
CA VAL E 85 3.44 -2.55 29.13
C VAL E 85 2.80 -3.92 29.28
N THR E 86 1.50 -3.91 29.52
CA THR E 86 0.68 -5.13 29.60
C THR E 86 -0.57 -4.91 28.77
N ALA E 87 -1.44 -5.93 28.71
CA ALA E 87 -2.70 -5.80 27.97
C ALA E 87 -3.57 -4.64 28.46
N ALA E 88 -3.37 -4.20 29.71
CA ALA E 88 -4.09 -3.09 30.29
C ALA E 88 -3.77 -1.78 29.57
N ASP E 89 -2.62 -1.74 28.89
CA ASP E 89 -2.19 -0.54 28.13
C ASP E 89 -2.68 -0.51 26.68
N THR E 90 -3.38 -1.55 26.22
CA THR E 90 -4.05 -1.49 24.92
C THR E 90 -5.12 -0.40 24.96
N ALA E 91 -5.03 0.56 24.03
CA ALA E 91 -5.94 1.69 24.06
C ALA E 91 -5.76 2.56 22.85
N MET E 92 -6.75 3.43 22.65
CA MET E 92 -6.58 4.59 21.78
C MET E 92 -5.89 5.66 22.62
N TYR E 93 -4.81 6.21 22.08
CA TYR E 93 -4.03 7.25 22.75
C TYR E 93 -4.25 8.57 22.04
N TYR E 94 -4.59 9.59 22.81
CA TYR E 94 -4.81 10.93 22.33
C TYR E 94 -3.83 11.90 22.93
N CYS E 95 -3.34 12.84 22.12
CA CYS E 95 -2.75 14.04 22.66
C CYS E 95 -3.79 15.16 22.65
N ALA E 96 -3.74 15.99 23.68
CA ALA E 96 -4.71 17.08 23.84
C ALA E 96 -4.06 18.27 24.51
N LEU E 97 -4.47 19.45 24.06
CA LEU E 97 -4.01 20.72 24.57
C LEU E 97 -5.03 21.33 25.52
N ILE E 98 -4.55 21.87 26.65
CA ILE E 98 -5.29 22.81 27.50
C ILE E 98 -4.71 24.21 27.29
N THR E 99 -5.54 25.14 26.84
CA THR E 99 -5.16 26.56 26.84
C THR E 99 -5.82 27.26 28.03
N THR E 100 -5.24 28.37 28.44
CA THR E 100 -5.78 29.17 29.55
C THR E 100 -7.01 29.99 29.17
N SER E 101 -7.42 29.94 27.90
CA SER E 101 -8.70 30.51 27.46
C SER E 101 -9.88 29.77 28.07
N THR E 102 -9.72 28.46 28.31
CA THR E 102 -10.78 27.63 28.88
C THR E 102 -10.39 26.86 30.12
N TYR E 103 -9.09 26.70 30.37
CA TYR E 103 -8.59 25.77 31.39
C TYR E 103 -9.13 24.36 31.19
N ALA E 104 -9.45 24.01 29.94
CA ALA E 104 -10.02 22.73 29.57
C ALA E 104 -9.22 22.14 28.43
N MET E 105 -9.38 20.83 28.21
CA MET E 105 -8.76 20.15 27.08
C MET E 105 -9.53 20.53 25.82
N ASP E 106 -9.13 21.66 25.22
CA ASP E 106 -9.90 22.29 24.15
C ASP E 106 -9.53 21.89 22.73
N TYR E 107 -8.36 21.27 22.56
CA TYR E 107 -7.91 20.82 21.25
C TYR E 107 -7.31 19.44 21.37
N TRP E 108 -7.76 18.55 20.49
CA TRP E 108 -7.40 17.14 20.52
C TRP E 108 -6.82 16.67 19.19
N GLY E 109 -5.91 15.72 19.28
CA GLY E 109 -5.52 14.96 18.12
C GLY E 109 -6.58 13.97 17.74
N GLN E 110 -6.34 13.22 16.68
CA GLN E 110 -7.32 12.28 16.16
C GLN E 110 -7.24 10.91 16.86
N GLY E 111 -6.14 10.69 17.57
CA GLY E 111 -5.90 9.45 18.27
C GLY E 111 -5.18 8.41 17.43
N THR E 112 -4.36 7.62 18.10
CA THR E 112 -3.71 6.49 17.50
C THR E 112 -3.83 5.27 18.41
N THR E 113 -4.17 4.13 17.81
CA THR E 113 -4.41 2.90 18.55
C THR E 113 -3.10 2.15 18.79
N VAL E 114 -2.88 1.71 20.01
CA VAL E 114 -1.75 0.83 20.33
C VAL E 114 -2.31 -0.44 20.98
N THR E 115 -1.92 -1.59 20.44
CA THR E 115 -2.33 -2.89 20.98
C THR E 115 -1.08 -3.54 21.55
N VAL E 116 -1.17 -4.02 22.79
CA VAL E 116 -0.10 -4.78 23.43
C VAL E 116 -0.35 -6.28 23.21
N SER E 117 0.53 -6.89 22.43
CA SER E 117 0.35 -8.28 22.03
C SER E 117 1.68 -8.87 21.58
N SER E 118 1.82 -10.18 21.81
CA SER E 118 2.97 -10.91 21.32
C SER E 118 2.81 -11.35 19.85
N ALA E 119 1.60 -11.21 19.29
CA ALA E 119 1.36 -11.64 17.91
C ALA E 119 1.99 -10.66 16.92
N SER E 120 2.24 -11.13 15.73
CA SER E 120 2.88 -10.32 14.71
C SER E 120 1.84 -9.49 13.98
N THR E 121 2.28 -8.39 13.39
CA THR E 121 1.42 -7.60 12.52
CA THR E 121 1.41 -7.60 12.51
C THR E 121 1.15 -8.39 11.23
N LYS E 122 -0.06 -8.23 10.69
CA LYS E 122 -0.44 -8.83 9.44
C LYS E 122 -1.36 -7.84 8.72
N GLY E 123 -0.99 -7.50 7.49
CA GLY E 123 -1.76 -6.59 6.68
C GLY E 123 -2.96 -7.28 6.10
N PRO E 124 -3.97 -6.51 5.69
CA PRO E 124 -5.23 -7.05 5.22
C PRO E 124 -5.18 -7.58 3.79
N SER E 125 -6.05 -8.55 3.54
CA SER E 125 -6.42 -8.96 2.20
C SER E 125 -7.75 -8.27 1.89
N VAL E 126 -7.85 -7.65 0.73
CA VAL E 126 -9.02 -6.86 0.34
C VAL E 126 -9.66 -7.47 -0.89
N PHE E 127 -10.96 -7.73 -0.78
CA PHE E 127 -11.73 -8.39 -1.82
C PHE E 127 -12.93 -7.53 -2.16
N PRO E 128 -13.35 -7.56 -3.43
CA PRO E 128 -14.52 -6.78 -3.81
C PRO E 128 -15.84 -7.37 -3.37
N LEU E 129 -16.77 -6.49 -2.98
CA LEU E 129 -18.17 -6.83 -2.84
C LEU E 129 -18.84 -6.16 -4.04
N ALA E 130 -18.98 -6.93 -5.11
CA ALA E 130 -19.33 -6.37 -6.42
C ALA E 130 -20.82 -6.09 -6.49
N PRO E 131 -21.20 -5.02 -7.21
CA PRO E 131 -22.61 -4.68 -7.38
C PRO E 131 -23.38 -5.68 -8.26
N GLY E 139 -32.53 1.62 -9.48
CA GLY E 139 -32.39 2.87 -8.73
C GLY E 139 -31.08 2.98 -7.97
N THR E 140 -30.96 2.24 -6.88
CA THR E 140 -29.79 2.30 -6.00
C THR E 140 -29.10 0.93 -5.93
N ALA E 141 -27.77 0.95 -6.09
CA ALA E 141 -26.96 -0.26 -6.00
C ALA E 141 -26.01 -0.16 -4.82
N ALA E 142 -25.67 -1.31 -4.25
CA ALA E 142 -24.68 -1.41 -3.18
C ALA E 142 -23.42 -2.14 -3.66
N LEU E 143 -22.28 -1.66 -3.20
CA LEU E 143 -21.01 -2.29 -3.47
C LEU E 143 -20.10 -2.04 -2.28
N GLY E 144 -18.96 -2.72 -2.24
CA GLY E 144 -18.09 -2.58 -1.10
C GLY E 144 -16.76 -3.29 -1.23
N CYS E 145 -16.06 -3.35 -0.11
CA CYS E 145 -14.83 -4.09 0.01
C CYS E 145 -14.84 -4.87 1.31
N LEU E 146 -14.44 -6.12 1.22
CA LEU E 146 -14.24 -6.98 2.36
C LEU E 146 -12.76 -6.93 2.70
N VAL E 147 -12.47 -6.58 3.94
CA VAL E 147 -11.12 -6.35 4.40
C VAL E 147 -10.82 -7.42 5.46
N LYS E 148 -10.07 -8.44 5.04
CA LYS E 148 -9.94 -9.69 5.79
C LYS E 148 -8.55 -9.91 6.36
N ASP E 149 -8.52 -10.53 7.53
CA ASP E 149 -7.36 -11.21 8.07
C ASP E 149 -6.19 -10.28 8.36
N TYR E 150 -6.46 -9.25 9.15
CA TYR E 150 -5.43 -8.31 9.58
C TYR E 150 -5.28 -8.29 11.09
N PHE E 151 -4.11 -7.84 11.53
CA PHE E 151 -3.83 -7.71 12.94
C PHE E 151 -2.71 -6.70 13.14
N PRO E 152 -2.78 -5.87 14.19
CA PRO E 152 -3.91 -5.64 15.10
C PRO E 152 -4.90 -4.69 14.45
N GLU E 153 -5.94 -4.33 15.18
CA GLU E 153 -6.78 -3.22 14.75
CA GLU E 153 -6.79 -3.22 14.77
C GLU E 153 -5.96 -1.94 14.80
N PRO E 154 -6.35 -0.91 14.04
CA PRO E 154 -7.48 -0.85 13.13
C PRO E 154 -7.10 -0.69 11.67
N VAL E 155 -8.11 -0.89 10.82
CA VAL E 155 -8.07 -0.44 9.44
CA VAL E 155 -8.06 -0.42 9.45
C VAL E 155 -9.01 0.75 9.30
N THR E 156 -8.66 1.67 8.41
CA THR E 156 -9.59 2.72 7.98
C THR E 156 -9.88 2.51 6.50
N VAL E 157 -11.08 2.89 6.06
CA VAL E 157 -11.43 2.77 4.67
C VAL E 157 -12.04 4.08 4.20
N SER E 158 -11.53 4.55 3.08
CA SER E 158 -12.11 5.66 2.35
CA SER E 158 -12.14 5.66 2.36
C SER E 158 -12.55 5.16 0.99
N TRP E 159 -13.31 5.98 0.27
CA TRP E 159 -13.74 5.66 -1.08
C TRP E 159 -13.35 6.79 -2.00
N ASN E 160 -12.77 6.42 -3.15
CA ASN E 160 -12.32 7.41 -4.15
C ASN E 160 -11.46 8.51 -3.51
N SER E 161 -10.52 8.07 -2.67
CA SER E 161 -9.58 8.94 -1.96
C SER E 161 -10.25 10.00 -1.08
N GLY E 162 -11.48 9.74 -0.64
CA GLY E 162 -12.21 10.66 0.22
C GLY E 162 -13.24 11.51 -0.48
N ALA E 163 -13.28 11.41 -1.81
CA ALA E 163 -14.25 12.16 -2.62
C ALA E 163 -15.67 11.60 -2.47
N LEU E 164 -15.77 10.29 -2.23
CA LEU E 164 -17.07 9.66 -1.98
C LEU E 164 -17.25 9.36 -0.49
N THR E 165 -18.19 10.06 0.13
CA THR E 165 -18.45 9.95 1.57
C THR E 165 -19.92 9.64 1.90
N SER E 166 -20.84 10.13 1.07
CA SER E 166 -22.26 9.88 1.27
C SER E 166 -22.60 8.40 1.09
N GLY E 167 -23.32 7.85 2.05
CA GLY E 167 -23.81 6.48 1.95
C GLY E 167 -22.77 5.43 2.30
N VAL E 168 -21.62 5.87 2.79
CA VAL E 168 -20.57 4.92 3.18
C VAL E 168 -20.83 4.39 4.59
N HIS E 169 -20.75 3.05 4.76
CA HIS E 169 -20.78 2.41 6.06
C HIS E 169 -19.61 1.47 6.18
N THR E 170 -18.76 1.72 7.17
CA THR E 170 -17.67 0.81 7.48
C THR E 170 -17.97 0.18 8.83
N PHE E 171 -18.13 -1.14 8.83
CA PHE E 171 -18.59 -1.89 9.98
C PHE E 171 -17.49 -2.08 11.00
N PRO E 172 -17.90 -2.22 12.28
CA PRO E 172 -16.90 -2.58 13.27
C PRO E 172 -16.24 -3.90 12.93
N ALA E 173 -14.96 -4.00 13.28
CA ALA E 173 -14.21 -5.21 13.04
C ALA E 173 -14.71 -6.32 13.95
N VAL E 174 -14.61 -7.54 13.46
CA VAL E 174 -14.89 -8.72 14.24
C VAL E 174 -13.63 -9.60 14.32
N LEU E 175 -13.34 -10.07 15.53
CA LEU E 175 -12.24 -10.98 15.77
C LEU E 175 -12.70 -12.37 15.33
N GLN E 176 -11.97 -12.96 14.39
CA GLN E 176 -12.27 -14.30 13.92
C GLN E 176 -11.58 -15.31 14.83
N SER E 177 -11.92 -16.60 14.64
CA SER E 177 -11.35 -17.68 15.45
C SER E 177 -9.85 -17.85 15.20
N SER E 178 -9.38 -17.33 14.05
CA SER E 178 -7.96 -17.36 13.69
C SER E 178 -7.10 -16.38 14.47
N GLY E 179 -7.73 -15.46 15.20
CA GLY E 179 -7.01 -14.41 15.91
C GLY E 179 -6.81 -13.17 15.06
N LEU E 180 -7.36 -13.18 13.86
CA LEU E 180 -7.28 -12.04 12.94
C LEU E 180 -8.62 -11.34 12.81
N TYR E 181 -8.57 -10.08 12.40
CA TYR E 181 -9.77 -9.26 12.30
C TYR E 181 -10.29 -9.19 10.88
N SER E 182 -11.58 -8.93 10.76
CA SER E 182 -12.21 -8.73 9.46
C SER E 182 -13.30 -7.67 9.57
N LEU E 183 -13.51 -6.93 8.48
CA LEU E 183 -14.66 -6.03 8.37
C LEU E 183 -14.97 -5.78 6.91
N SER E 184 -16.14 -5.22 6.66
CA SER E 184 -16.51 -4.74 5.33
C SER E 184 -16.82 -3.26 5.38
N SER E 185 -16.61 -2.61 4.25
CA SER E 185 -17.03 -1.24 4.02
C SER E 185 -17.91 -1.26 2.79
N VAL E 186 -19.09 -0.65 2.89
CA VAL E 186 -20.01 -0.61 1.76
C VAL E 186 -20.41 0.83 1.46
N VAL E 187 -20.95 1.02 0.25
CA VAL E 187 -21.49 2.30 -0.17
C VAL E 187 -22.64 2.03 -1.12
N THR E 188 -23.66 2.88 -1.09
CA THR E 188 -24.72 2.82 -2.09
C THR E 188 -24.56 3.97 -3.06
N VAL E 189 -24.79 3.67 -4.33
CA VAL E 189 -24.62 4.61 -5.42
C VAL E 189 -25.74 4.41 -6.46
N PRO E 190 -25.93 5.39 -7.36
CA PRO E 190 -26.92 5.16 -8.42
C PRO E 190 -26.58 3.96 -9.30
N SER E 191 -27.56 3.08 -9.53
CA SER E 191 -27.40 1.94 -10.43
C SER E 191 -26.93 2.37 -11.82
N SER E 192 -27.43 3.51 -12.28
CA SER E 192 -27.05 4.05 -13.59
C SER E 192 -25.57 4.45 -13.68
N SER E 193 -24.93 4.66 -12.54
CA SER E 193 -23.51 5.04 -12.52
C SER E 193 -22.56 3.84 -12.67
N LEU E 194 -23.08 2.62 -12.52
CA LEU E 194 -22.27 1.40 -12.66
C LEU E 194 -21.79 1.24 -14.09
N GLY E 195 -20.48 1.04 -14.27
CA GLY E 195 -19.90 0.94 -15.61
C GLY E 195 -19.25 2.24 -16.10
N THR E 196 -19.79 3.37 -15.67
CA THR E 196 -19.24 4.69 -16.02
C THR E 196 -18.35 5.23 -14.89
N GLN E 197 -18.88 5.29 -13.67
CA GLN E 197 -18.14 5.80 -12.50
C GLN E 197 -17.28 4.70 -11.89
N THR E 198 -16.02 5.03 -11.61
CA THR E 198 -15.10 4.07 -10.98
C THR E 198 -15.17 4.22 -9.47
N TYR E 199 -15.17 3.07 -8.78
CA TYR E 199 -15.24 3.04 -7.32
C TYR E 199 -14.05 2.25 -6.78
N ILE E 200 -13.23 2.93 -5.97
CA ILE E 200 -12.03 2.35 -5.38
C ILE E 200 -12.11 2.52 -3.87
N CYS E 201 -11.93 1.44 -3.12
CA CYS E 201 -11.83 1.55 -1.68
C CYS E 201 -10.36 1.65 -1.29
N ASN E 202 -10.06 2.62 -0.44
CA ASN E 202 -8.69 2.88 -0.01
C ASN E 202 -8.59 2.39 1.42
N VAL E 203 -7.89 1.27 1.60
CA VAL E 203 -7.75 0.64 2.90
C VAL E 203 -6.41 1.01 3.49
N ASN E 204 -6.42 1.55 4.71
CA ASN E 204 -5.16 1.90 5.40
C ASN E 204 -5.04 1.04 6.65
N HIS E 205 -3.95 0.28 6.76
CA HIS E 205 -3.64 -0.47 7.97
C HIS E 205 -2.36 0.09 8.56
N LYS E 206 -2.49 1.15 9.35
CA LYS E 206 -1.32 1.84 9.88
C LYS E 206 -0.37 0.95 10.69
N PRO E 207 -0.92 0.01 11.48
CA PRO E 207 -0.01 -0.85 12.25
C PRO E 207 1.05 -1.61 11.44
N SER E 208 0.72 -1.96 10.19
CA SER E 208 1.68 -2.63 9.28
C SER E 208 2.22 -1.69 8.21
N ASN E 209 1.88 -0.41 8.33
CA ASN E 209 2.16 0.62 7.31
C ASN E 209 1.85 0.16 5.90
N THR E 210 0.68 -0.48 5.77
CA THR E 210 0.20 -1.00 4.50
C THR E 210 -1.04 -0.23 4.04
N LYS E 211 -1.08 0.10 2.76
CA LYS E 211 -2.25 0.66 2.10
C LYS E 211 -2.61 -0.19 0.91
N VAL E 212 -3.91 -0.51 0.75
CA VAL E 212 -4.40 -1.28 -0.39
C VAL E 212 -5.55 -0.51 -1.04
N ASP E 213 -5.50 -0.33 -2.36
CA ASP E 213 -6.52 0.43 -3.10
C ASP E 213 -7.22 -0.46 -4.13
N LYS E 214 -8.42 -0.94 -3.80
CA LYS E 214 -9.11 -1.96 -4.60
C LYS E 214 -10.25 -1.35 -5.42
N LYS E 215 -10.20 -1.56 -6.73
CA LYS E 215 -11.26 -1.13 -7.64
C LYS E 215 -12.37 -2.16 -7.57
N VAL E 216 -13.59 -1.69 -7.38
CA VAL E 216 -14.76 -2.56 -7.30
C VAL E 216 -15.66 -2.32 -8.52
N GLU E 217 -15.85 -3.36 -9.32
CA GLU E 217 -16.66 -3.27 -10.54
C GLU E 217 -17.59 -4.47 -10.66
N PRO E 218 -18.59 -4.41 -11.57
CA PRO E 218 -19.48 -5.56 -11.82
C PRO E 218 -18.74 -6.80 -12.32
N LYS E 219 -19.27 -7.98 -11.98
CA LYS E 219 -18.80 -9.27 -12.51
C LYS E 219 -19.72 -9.70 -13.68
N SER E 220 -19.96 -11.01 -13.84
CA SER E 220 -20.86 -11.53 -14.89
C SER E 220 -22.14 -12.13 -14.30
N CYS E 221 -21.97 -13.14 -13.44
CA CYS E 221 -23.10 -13.87 -12.86
C CYS E 221 -23.22 -13.55 -11.37
N GLU F 1 5.83 15.99 -29.36
CA GLU F 1 5.95 14.56 -29.78
C GLU F 1 4.69 13.79 -29.36
N VAL F 2 4.76 12.46 -29.33
CA VAL F 2 3.63 11.63 -28.90
C VAL F 2 4.05 10.82 -27.68
N GLN F 3 3.13 10.71 -26.71
CA GLN F 3 3.34 9.89 -25.51
C GLN F 3 2.34 8.74 -25.48
N LEU F 4 2.85 7.57 -25.09
CA LEU F 4 2.05 6.36 -25.04
C LEU F 4 2.15 5.76 -23.64
N GLN F 5 1.08 5.15 -23.16
CA GLN F 5 1.07 4.53 -21.84
C GLN F 5 0.18 3.30 -21.80
N GLU F 6 0.80 2.15 -21.48
CA GLU F 6 0.11 0.88 -21.30
C GLU F 6 -0.57 0.80 -19.94
N SER F 7 -1.75 0.17 -19.93
CA SER F 7 -2.43 -0.16 -18.68
C SER F 7 -3.19 -1.46 -18.84
N GLY F 8 -3.47 -2.10 -17.70
CA GLY F 8 -4.25 -3.31 -17.68
C GLY F 8 -3.70 -4.28 -16.67
N PRO F 9 -4.42 -5.40 -16.44
CA PRO F 9 -4.05 -6.32 -15.38
C PRO F 9 -2.66 -6.91 -15.53
N GLY F 10 -2.01 -7.18 -14.40
CA GLY F 10 -0.68 -7.79 -14.38
C GLY F 10 -0.68 -9.30 -14.24
N LEU F 11 -1.86 -9.89 -14.07
CA LEU F 11 -2.03 -11.32 -13.93
C LEU F 11 -3.25 -11.79 -14.72
N VAL F 12 -3.04 -12.84 -15.52
CA VAL F 12 -4.10 -13.47 -16.31
C VAL F 12 -4.01 -14.98 -16.07
N LYS F 13 -5.16 -15.63 -15.87
CA LYS F 13 -5.18 -17.07 -15.73
C LYS F 13 -4.95 -17.75 -17.08
N PRO F 14 -4.23 -18.89 -17.07
CA PRO F 14 -4.08 -19.64 -18.32
C PRO F 14 -5.43 -20.00 -18.91
N SER F 15 -5.49 -19.93 -20.24
CA SER F 15 -6.70 -20.15 -21.05
C SER F 15 -7.63 -18.96 -21.11
N GLU F 16 -7.40 -17.94 -20.29
CA GLU F 16 -8.27 -16.76 -20.29
C GLU F 16 -7.67 -15.69 -21.21
N THR F 17 -8.30 -14.54 -21.25
CA THR F 17 -7.95 -13.51 -22.21
C THR F 17 -7.21 -12.35 -21.55
N LEU F 18 -6.08 -12.01 -22.16
CA LEU F 18 -5.22 -10.91 -21.73
C LEU F 18 -5.67 -9.68 -22.51
N SER F 19 -5.99 -8.61 -21.79
CA SER F 19 -6.36 -7.32 -22.39
C SER F 19 -5.47 -6.21 -21.84
N LEU F 20 -4.97 -5.36 -22.74
CA LEU F 20 -4.22 -4.18 -22.38
C LEU F 20 -4.69 -3.01 -23.22
N THR F 21 -4.55 -1.81 -22.66
CA THR F 21 -4.88 -0.56 -23.35
C THR F 21 -3.66 0.34 -23.43
N CYS F 22 -3.49 1.02 -24.57
CA CYS F 22 -2.46 2.02 -24.76
C CYS F 22 -3.16 3.34 -24.93
N THR F 23 -2.90 4.27 -24.01
CA THR F 23 -3.51 5.59 -24.04
C THR F 23 -2.49 6.56 -24.62
N VAL F 24 -2.92 7.30 -25.63
CA VAL F 24 -2.02 8.15 -26.40
C VAL F 24 -2.34 9.61 -26.12
N SER F 25 -1.28 10.40 -25.96
CA SER F 25 -1.39 11.83 -25.73
C SER F 25 -0.31 12.57 -26.51
N GLY F 26 -0.39 13.90 -26.50
CA GLY F 26 0.58 14.75 -27.20
C GLY F 26 0.14 15.02 -28.63
N ASP F 27 1.08 14.94 -29.56
CA ASP F 27 0.80 15.23 -30.97
C ASP F 27 -0.26 14.28 -31.52
N SER F 28 -1.20 14.81 -32.30
CA SER F 28 -2.21 13.98 -32.95
C SER F 28 -1.61 13.39 -34.23
N ILE F 29 -1.69 12.07 -34.34
CA ILE F 29 -1.16 11.34 -35.48
C ILE F 29 -2.32 10.66 -36.18
N THR F 30 -2.63 11.11 -37.40
CA THR F 30 -3.77 10.58 -38.15
C THR F 30 -3.31 9.67 -39.30
N SER F 31 -2.02 9.37 -39.36
CA SER F 31 -1.46 8.53 -40.42
C SER F 31 -0.53 7.43 -39.89
N GLY F 32 -0.75 7.05 -38.64
CA GLY F 32 0.16 6.14 -37.94
C GLY F 32 -0.19 4.66 -37.97
N TYR F 33 0.76 3.86 -37.53
CA TYR F 33 0.62 2.43 -37.34
C TYR F 33 0.88 2.12 -35.88
N TRP F 34 -0.12 1.53 -35.23
CA TRP F 34 -0.18 1.45 -33.79
C TRP F 34 0.05 -0.02 -33.39
N ASN F 35 1.23 -0.25 -32.80
CA ASN F 35 1.78 -1.59 -32.63
C ASN F 35 1.75 -2.07 -31.20
N TRP F 36 1.72 -3.40 -31.04
CA TRP F 36 2.05 -4.05 -29.78
C TRP F 36 3.29 -4.92 -29.98
N ILE F 37 4.20 -4.82 -29.03
CA ILE F 37 5.48 -5.54 -29.00
C ILE F 37 5.56 -6.17 -27.60
N ARG F 38 6.15 -7.35 -27.47
CA ARG F 38 6.40 -7.87 -26.15
C ARG F 38 7.82 -8.42 -25.98
N GLN F 39 8.21 -8.62 -24.74
CA GLN F 39 9.52 -9.15 -24.40
C GLN F 39 9.40 -10.16 -23.27
N PRO F 40 9.39 -11.44 -23.62
CA PRO F 40 9.38 -12.45 -22.56
C PRO F 40 10.65 -12.34 -21.72
N PRO F 41 10.61 -12.85 -20.48
CA PRO F 41 11.77 -12.73 -19.58
C PRO F 41 13.07 -13.24 -20.20
N GLY F 42 14.08 -12.36 -20.24
CA GLY F 42 15.40 -12.71 -20.73
C GLY F 42 15.51 -12.91 -22.24
N ARG F 43 14.47 -12.56 -22.99
CA ARG F 43 14.43 -12.83 -24.41
C ARG F 43 14.36 -11.57 -25.27
N ALA F 44 14.43 -11.76 -26.58
CA ALA F 44 14.40 -10.66 -27.52
C ALA F 44 13.02 -10.02 -27.59
N LEU F 45 13.00 -8.77 -28.02
CA LEU F 45 11.77 -8.09 -28.39
C LEU F 45 11.06 -8.89 -29.50
N GLU F 46 9.73 -8.94 -29.41
CA GLU F 46 8.88 -9.66 -30.36
CA GLU F 46 8.89 -9.64 -30.38
C GLU F 46 7.78 -8.71 -30.85
N TRP F 47 7.69 -8.50 -32.16
CA TRP F 47 6.60 -7.72 -32.72
C TRP F 47 5.36 -8.62 -32.77
N MET F 48 4.21 -8.08 -32.32
CA MET F 48 2.95 -8.83 -32.27
C MET F 48 1.95 -8.45 -33.36
N GLY F 49 1.77 -7.16 -33.58
CA GLY F 49 0.77 -6.71 -34.55
C GLY F 49 0.63 -5.22 -34.58
N TYR F 50 -0.07 -4.72 -35.59
CA TYR F 50 -0.53 -3.33 -35.61
C TYR F 50 -1.99 -3.19 -36.01
N ILE F 51 -2.54 -2.04 -35.67
CA ILE F 51 -3.72 -1.51 -36.34
C ILE F 51 -3.29 -0.16 -36.91
N SER F 52 -3.70 0.11 -38.14
CA SER F 52 -3.33 1.36 -38.79
C SER F 52 -4.41 2.42 -38.58
N TYR F 53 -4.07 3.63 -39.01
CA TYR F 53 -5.01 4.74 -39.04
C TYR F 53 -6.35 4.42 -39.70
N SER F 54 -6.36 3.45 -40.63
CA SER F 54 -7.57 3.09 -41.34
C SER F 54 -8.38 1.99 -40.65
N GLY F 55 -7.78 1.36 -39.65
CA GLY F 55 -8.36 0.19 -39.05
C GLY F 55 -7.84 -1.11 -39.62
N SER F 56 -7.08 -1.05 -40.71
CA SER F 56 -6.44 -2.25 -41.24
C SER F 56 -5.48 -2.81 -40.18
N THR F 57 -5.33 -4.12 -40.16
CA THR F 57 -4.49 -4.78 -39.20
C THR F 57 -3.48 -5.69 -39.87
N TYR F 58 -2.43 -6.01 -39.14
CA TYR F 58 -1.41 -6.93 -39.55
C TYR F 58 -0.92 -7.60 -38.29
N TYR F 59 -1.03 -8.91 -38.26
CA TYR F 59 -0.71 -9.70 -37.07
C TYR F 59 0.38 -10.71 -37.34
N SER F 60 1.21 -10.96 -36.34
CA SER F 60 2.22 -11.98 -36.40
C SER F 60 1.57 -13.35 -36.58
N LEU F 61 2.01 -14.12 -37.57
CA LEU F 61 1.49 -15.46 -37.80
C LEU F 61 1.55 -16.37 -36.59
N SER F 62 2.59 -16.23 -35.77
CA SER F 62 2.71 -17.13 -34.61
C SER F 62 1.63 -16.91 -33.56
N LEU F 63 0.88 -15.82 -33.62
CA LEU F 63 -0.14 -15.49 -32.59
C LEU F 63 -1.55 -15.84 -32.96
N ARG F 64 -2.19 -14.87 -33.62
CA ARG F 64 -2.97 -15.08 -34.82
C ARG F 64 -3.91 -16.26 -34.75
N SER F 65 -5.18 -15.93 -34.86
CA SER F 65 -6.25 -16.66 -34.25
C SER F 65 -6.43 -16.07 -32.85
N ARG F 66 -5.34 -15.73 -32.14
CA ARG F 66 -5.47 -15.32 -30.74
C ARG F 66 -5.48 -13.81 -30.55
N ILE F 67 -4.95 -13.08 -31.52
CA ILE F 67 -4.75 -11.65 -31.33
C ILE F 67 -5.78 -10.80 -32.07
N THR F 68 -6.29 -9.80 -31.35
CA THR F 68 -7.06 -8.71 -31.92
C THR F 68 -6.46 -7.40 -31.45
N ILE F 69 -6.29 -6.44 -32.35
CA ILE F 69 -5.96 -5.08 -31.97
C ILE F 69 -7.10 -4.19 -32.44
N SER F 70 -7.59 -3.35 -31.54
CA SER F 70 -8.67 -2.43 -31.79
C SER F 70 -8.18 -1.01 -31.49
N ARG F 71 -8.91 -0.01 -31.97
CA ARG F 71 -8.52 1.39 -31.74
C ARG F 71 -9.75 2.29 -31.74
N ASP F 72 -9.88 3.11 -30.70
CA ASP F 72 -10.98 4.04 -30.53
C ASP F 72 -10.41 5.46 -30.56
N THR F 73 -10.61 6.15 -31.68
CA THR F 73 -10.03 7.47 -31.86
C THR F 73 -10.68 8.53 -30.96
N SER F 74 -11.90 8.26 -30.48
N SER F 74 -11.89 8.27 -30.48
CA SER F 74 -12.60 9.16 -29.57
CA SER F 74 -12.57 9.19 -29.55
C SER F 74 -11.94 9.20 -28.19
C SER F 74 -11.93 9.20 -28.17
N LYS F 75 -11.34 8.07 -27.78
CA LYS F 75 -10.66 7.96 -26.48
C LYS F 75 -9.13 8.05 -26.61
N ASN F 76 -8.63 8.30 -27.81
CA ASN F 76 -7.20 8.33 -28.10
C ASN F 76 -6.49 7.11 -27.53
N GLN F 77 -7.02 5.94 -27.83
CA GLN F 77 -6.48 4.72 -27.26
C GLN F 77 -6.56 3.60 -28.27
N TYR F 78 -5.71 2.61 -28.10
CA TYR F 78 -5.85 1.36 -28.81
C TYR F 78 -5.52 0.22 -27.89
N SER F 79 -5.98 -0.98 -28.25
CA SER F 79 -6.01 -2.08 -27.30
C SER F 79 -5.57 -3.39 -27.92
N LEU F 80 -5.04 -4.24 -27.05
CA LEU F 80 -4.63 -5.60 -27.38
C LEU F 80 -5.57 -6.56 -26.66
N ARG F 81 -6.05 -7.55 -27.40
CA ARG F 81 -6.79 -8.66 -26.83
CA ARG F 81 -6.79 -8.66 -26.83
C ARG F 81 -6.09 -9.93 -27.30
N LEU F 82 -5.61 -10.74 -26.36
CA LEU F 82 -4.90 -11.97 -26.69
C LEU F 82 -5.60 -13.11 -25.98
N SER F 83 -6.28 -13.98 -26.72
CA SER F 83 -7.08 -15.03 -26.14
C SER F 83 -6.26 -16.28 -25.85
N SER F 84 -6.85 -17.16 -25.04
CA SER F 84 -6.30 -18.48 -24.75
C SER F 84 -4.83 -18.43 -24.33
N VAL F 85 -4.52 -17.61 -23.34
CA VAL F 85 -3.12 -17.43 -22.98
C VAL F 85 -2.51 -18.61 -22.24
N THR F 86 -1.19 -18.73 -22.37
CA THR F 86 -0.41 -19.73 -21.64
C THR F 86 0.77 -19.05 -20.99
N ALA F 87 1.56 -19.80 -20.23
CA ALA F 87 2.75 -19.24 -19.59
C ALA F 87 3.73 -18.62 -20.61
N ALA F 88 3.68 -19.08 -21.85
CA ALA F 88 4.51 -18.52 -22.91
C ALA F 88 4.18 -17.05 -23.24
N ASP F 89 3.01 -16.59 -22.81
CA ASP F 89 2.60 -15.18 -23.00
C ASP F 89 3.02 -14.26 -21.86
N THR F 90 3.66 -14.81 -20.83
CA THR F 90 4.25 -13.98 -19.78
C THR F 90 5.36 -13.11 -20.38
N ALA F 91 5.23 -11.80 -20.22
CA ALA F 91 6.14 -10.87 -20.89
C ALA F 91 5.93 -9.45 -20.42
N MET F 92 6.90 -8.59 -20.75
CA MET F 92 6.67 -7.15 -20.72
C MET F 92 6.03 -6.79 -22.04
N TYR F 93 4.93 -6.05 -21.98
CA TYR F 93 4.18 -5.60 -23.15
C TYR F 93 4.35 -4.11 -23.38
N TYR F 94 4.67 -3.75 -24.62
CA TYR F 94 4.86 -2.37 -25.04
C TYR F 94 3.92 -2.01 -26.17
N CYS F 95 3.44 -0.77 -26.12
CA CYS F 95 2.83 -0.20 -27.30
C CYS F 95 3.84 0.76 -27.94
N ALA F 96 3.82 0.78 -29.28
CA ALA F 96 4.71 1.65 -30.03
C ALA F 96 4.05 2.12 -31.32
N LEU F 97 4.33 3.37 -31.66
CA LEU F 97 3.83 4.03 -32.86
C LEU F 97 4.91 4.04 -33.93
N ILE F 98 4.52 3.70 -35.17
CA ILE F 98 5.31 3.94 -36.37
C ILE F 98 4.70 5.11 -37.12
N THR F 99 5.50 6.13 -37.42
CA THR F 99 5.08 7.20 -38.33
C THR F 99 5.78 7.03 -39.67
N THR F 100 5.21 7.63 -40.72
CA THR F 100 5.82 7.55 -42.05
C THR F 100 6.96 8.56 -42.27
N SER F 101 7.27 9.38 -41.26
CA SER F 101 8.48 10.19 -41.31
C SER F 101 9.75 9.32 -41.24
N THR F 102 9.68 8.23 -40.47
CA THR F 102 10.78 7.30 -40.29
C THR F 102 10.51 5.87 -40.78
N TYR F 103 9.23 5.51 -40.90
CA TYR F 103 8.81 4.11 -41.12
C TYR F 103 9.40 3.18 -40.04
N ALA F 104 9.64 3.74 -38.85
CA ALA F 104 10.20 2.99 -37.73
C ALA F 104 9.31 3.17 -36.51
N MET F 105 9.51 2.30 -35.52
CA MET F 105 8.83 2.40 -34.26
C MET F 105 9.47 3.53 -33.46
N ASP F 106 8.96 4.74 -33.66
CA ASP F 106 9.64 5.95 -33.17
C ASP F 106 9.21 6.40 -31.79
N TYR F 107 8.03 5.98 -31.32
CA TYR F 107 7.53 6.35 -30.01
C TYR F 107 7.01 5.12 -29.28
N TRP F 108 7.40 4.98 -28.02
CA TRP F 108 7.12 3.80 -27.20
C TRP F 108 6.49 4.18 -25.87
N GLY F 109 5.62 3.30 -25.39
CA GLY F 109 5.15 3.37 -24.02
C GLY F 109 6.22 2.94 -23.02
N GLN F 110 5.87 2.92 -21.75
CA GLN F 110 6.83 2.55 -20.70
C GLN F 110 6.98 1.04 -20.53
N GLY F 111 5.97 0.31 -20.96
CA GLY F 111 5.92 -1.13 -20.79
C GLY F 111 5.14 -1.52 -19.55
N THR F 112 4.34 -2.58 -19.67
CA THR F 112 3.68 -3.14 -18.50
C THR F 112 3.82 -4.66 -18.48
N THR F 113 4.09 -5.23 -17.30
CA THR F 113 4.33 -6.66 -17.17
C THR F 113 3.02 -7.43 -16.99
N VAL F 114 2.86 -8.52 -17.76
CA VAL F 114 1.74 -9.43 -17.57
C VAL F 114 2.28 -10.84 -17.37
N THR F 115 1.79 -11.51 -16.33
CA THR F 115 2.19 -12.86 -16.02
C THR F 115 0.96 -13.74 -16.15
N VAL F 116 1.16 -14.90 -16.78
CA VAL F 116 0.09 -15.88 -16.94
C VAL F 116 0.30 -17.01 -15.95
N SER F 117 -0.64 -17.14 -15.02
CA SER F 117 -0.55 -18.11 -13.92
C SER F 117 -1.90 -18.26 -13.25
N SER F 118 -2.11 -19.43 -12.64
CA SER F 118 -3.30 -19.70 -11.83
C SER F 118 -3.10 -19.28 -10.36
N ALA F 119 -1.88 -18.91 -10.01
CA ALA F 119 -1.55 -18.53 -8.63
C ALA F 119 -2.20 -17.22 -8.27
N SER F 120 -2.42 -17.04 -6.97
CA SER F 120 -2.99 -15.83 -6.41
C SER F 120 -2.00 -14.68 -6.42
N THR F 121 -2.51 -13.47 -6.62
CA THR F 121 -1.76 -12.27 -6.34
C THR F 121 -1.44 -12.25 -4.85
N LYS F 122 -0.21 -11.84 -4.52
CA LYS F 122 0.24 -11.77 -3.14
C LYS F 122 1.15 -10.56 -2.98
N GLY F 123 0.78 -9.67 -2.05
CA GLY F 123 1.61 -8.51 -1.75
C GLY F 123 2.84 -8.92 -0.94
N PRO F 124 3.87 -8.07 -0.95
CA PRO F 124 5.13 -8.37 -0.31
C PRO F 124 5.11 -8.24 1.21
N SER F 125 6.02 -8.99 1.84
CA SER F 125 6.36 -8.78 3.24
C SER F 125 7.67 -8.01 3.21
N VAL F 126 7.72 -6.89 3.93
CA VAL F 126 8.89 -6.03 3.92
C VAL F 126 9.59 -6.07 5.28
N PHE F 127 10.87 -6.44 5.26
CA PHE F 127 11.68 -6.56 6.48
C PHE F 127 12.90 -5.66 6.39
N PRO F 128 13.34 -5.14 7.53
CA PRO F 128 14.52 -4.28 7.50
C PRO F 128 15.84 -5.05 7.33
N LEU F 129 16.75 -4.43 6.59
CA LEU F 129 18.17 -4.76 6.60
C LEU F 129 18.83 -3.64 7.38
N ALA F 130 18.97 -3.85 8.68
CA ALA F 130 19.36 -2.77 9.59
C ALA F 130 20.84 -2.44 9.45
N PRO F 131 21.21 -1.15 9.61
CA PRO F 131 22.63 -0.82 9.61
C PRO F 131 23.35 -1.34 10.86
N SER F 132 24.56 -1.86 10.68
CA SER F 132 25.42 -2.33 11.79
C SER F 132 24.79 -3.50 12.55
N GLY F 139 32.70 5.49 8.27
CA GLY F 139 32.20 6.66 7.55
C GLY F 139 30.90 6.43 6.81
N THR F 140 30.76 5.24 6.22
CA THR F 140 29.59 4.89 5.41
CA THR F 140 29.59 4.88 5.41
C THR F 140 28.83 3.70 6.02
N ALA F 141 27.51 3.80 6.02
CA ALA F 141 26.64 2.76 6.54
C ALA F 141 25.75 2.23 5.43
N ALA F 142 25.57 0.91 5.37
CA ALA F 142 24.62 0.28 4.44
C ALA F 142 23.38 -0.19 5.18
N LEU F 143 22.22 0.06 4.59
CA LEU F 143 20.96 -0.39 5.13
C LEU F 143 20.03 -0.70 3.96
N GLY F 144 18.88 -1.29 4.25
CA GLY F 144 17.99 -1.66 3.17
C GLY F 144 16.66 -2.22 3.63
N CYS F 145 15.90 -2.69 2.64
CA CYS F 145 14.66 -3.42 2.86
C CYS F 145 14.68 -4.69 2.06
N LEU F 146 14.30 -5.78 2.71
CA LEU F 146 14.09 -7.06 2.06
C LEU F 146 12.61 -7.16 1.73
N VAL F 147 12.32 -7.31 0.44
CA VAL F 147 10.95 -7.34 -0.07
C VAL F 147 10.65 -8.77 -0.50
N LYS F 148 9.95 -9.50 0.36
CA LYS F 148 9.84 -10.95 0.24
C LYS F 148 8.45 -11.43 -0.12
N ASP F 149 8.42 -12.49 -0.91
CA ASP F 149 7.23 -13.32 -1.11
C ASP F 149 6.05 -12.60 -1.74
N TYR F 150 6.28 -11.98 -2.88
CA TYR F 150 5.22 -11.35 -3.65
C TYR F 150 5.03 -12.02 -5.01
N PHE F 151 3.86 -11.77 -5.59
CA PHE F 151 3.52 -12.32 -6.88
C PHE F 151 2.35 -11.57 -7.49
N PRO F 152 2.37 -11.31 -8.80
CA PRO F 152 3.47 -11.46 -9.74
C PRO F 152 4.39 -10.23 -9.72
N GLU F 153 5.33 -10.15 -10.65
CA GLU F 153 6.16 -8.96 -10.83
C GLU F 153 5.31 -7.80 -11.37
N PRO F 154 5.73 -6.55 -11.11
CA PRO F 154 6.91 -6.14 -10.38
C PRO F 154 6.58 -5.44 -9.07
N VAL F 155 7.62 -5.22 -8.28
CA VAL F 155 7.59 -4.19 -7.24
C VAL F 155 8.50 -3.04 -7.64
N THR F 156 8.17 -1.85 -7.12
CA THR F 156 9.10 -0.72 -7.16
C THR F 156 9.46 -0.36 -5.73
N VAL F 157 10.67 0.18 -5.55
CA VAL F 157 11.10 0.67 -4.26
C VAL F 157 11.67 2.10 -4.41
N SER F 158 11.15 3.02 -3.60
CA SER F 158 11.77 4.33 -3.41
C SER F 158 12.22 4.47 -1.96
N TRP F 159 13.03 5.48 -1.70
CA TRP F 159 13.47 5.77 -0.35
C TRP F 159 13.08 7.20 0.01
N ASN F 160 12.54 7.36 1.22
CA ASN F 160 12.12 8.67 1.73
C ASN F 160 11.23 9.43 0.74
N SER F 161 10.28 8.69 0.16
CA SER F 161 9.28 9.22 -0.78
C SER F 161 9.91 9.96 -1.96
N GLY F 162 11.07 9.48 -2.41
CA GLY F 162 11.75 10.03 -3.59
C GLY F 162 12.84 11.04 -3.28
N ALA F 163 13.00 11.40 -2.01
CA ALA F 163 14.02 12.38 -1.60
C ALA F 163 15.42 11.77 -1.55
N LEU F 164 15.50 10.44 -1.38
CA LEU F 164 16.79 9.73 -1.36
C LEU F 164 16.93 8.83 -2.59
N THR F 165 17.86 9.19 -3.46
CA THR F 165 18.10 8.46 -4.70
C THR F 165 19.56 8.05 -4.84
N SER F 166 20.50 8.85 -4.34
CA SER F 166 21.92 8.54 -4.48
C SER F 166 22.31 7.33 -3.64
N GLY F 167 23.06 6.41 -4.23
CA GLY F 167 23.57 5.22 -3.53
C GLY F 167 22.56 4.10 -3.34
N VAL F 168 21.40 4.23 -3.97
CA VAL F 168 20.35 3.22 -3.90
C VAL F 168 20.60 2.14 -4.94
N HIS F 169 20.54 0.88 -4.51
CA HIS F 169 20.56 -0.28 -5.40
C HIS F 169 19.36 -1.17 -5.09
N THR F 170 18.44 -1.27 -6.05
CA THR F 170 17.29 -2.15 -5.91
C THR F 170 17.54 -3.30 -6.88
N PHE F 171 17.79 -4.47 -6.32
CA PHE F 171 18.20 -5.63 -7.13
C PHE F 171 17.07 -6.22 -7.94
N PRO F 172 17.40 -6.81 -9.10
CA PRO F 172 16.40 -7.59 -9.81
C PRO F 172 15.81 -8.68 -8.93
N ALA F 173 14.53 -8.99 -9.13
CA ALA F 173 13.87 -10.02 -8.35
C ALA F 173 14.41 -11.40 -8.67
N VAL F 174 14.32 -12.29 -7.69
CA VAL F 174 14.63 -13.70 -7.86
C VAL F 174 13.37 -14.50 -7.62
N LEU F 175 13.11 -15.48 -8.47
CA LEU F 175 11.97 -16.38 -8.29
C LEU F 175 12.39 -17.50 -7.36
N GLN F 176 11.70 -17.64 -6.24
CA GLN F 176 12.01 -18.65 -5.24
C GLN F 176 11.30 -19.94 -5.60
N SER F 177 11.71 -21.05 -4.98
CA SER F 177 11.09 -22.37 -5.18
C SER F 177 9.58 -22.36 -4.95
N SER F 178 9.14 -21.49 -4.03
CA SER F 178 7.73 -21.33 -3.68
C SER F 178 6.85 -20.76 -4.79
N GLY F 179 7.49 -20.23 -5.83
CA GLY F 179 6.79 -19.58 -6.93
C GLY F 179 6.53 -18.10 -6.66
N LEU F 180 7.08 -17.61 -5.56
CA LEU F 180 7.00 -16.21 -5.18
C LEU F 180 8.36 -15.54 -5.40
N TYR F 181 8.30 -14.24 -5.62
CA TYR F 181 9.49 -13.42 -5.87
C TYR F 181 10.02 -12.74 -4.60
N SER F 182 11.29 -12.38 -4.65
CA SER F 182 11.92 -11.62 -3.58
C SER F 182 13.02 -10.75 -4.14
N LEU F 183 13.22 -9.59 -3.51
CA LEU F 183 14.38 -8.76 -3.82
C LEU F 183 14.73 -7.94 -2.60
N SER F 184 15.94 -7.37 -2.60
CA SER F 184 16.31 -6.36 -1.61
C SER F 184 16.58 -5.04 -2.30
N SER F 185 16.34 -3.94 -1.58
CA SER F 185 16.79 -2.63 -1.98
C SER F 185 17.70 -2.13 -0.89
N VAL F 186 18.88 -1.66 -1.25
CA VAL F 186 19.86 -1.18 -0.29
C VAL F 186 20.27 0.24 -0.64
N VAL F 187 20.81 0.92 0.34
CA VAL F 187 21.36 2.24 0.14
C VAL F 187 22.51 2.43 1.09
N THR F 188 23.54 3.15 0.65
CA THR F 188 24.63 3.55 1.53
C THR F 188 24.49 5.03 1.82
N VAL F 189 24.68 5.36 3.08
CA VAL F 189 24.51 6.72 3.57
C VAL F 189 25.63 7.05 4.53
N PRO F 190 25.85 8.36 4.81
CA PRO F 190 26.84 8.69 5.81
C PRO F 190 26.44 8.17 7.19
N SER F 191 27.37 7.51 7.88
CA SER F 191 27.10 7.03 9.23
C SER F 191 26.64 8.17 10.15
N SER F 192 27.21 9.36 9.94
CA SER F 192 26.82 10.56 10.70
C SER F 192 25.33 10.92 10.57
N SER F 193 24.68 10.48 9.49
CA SER F 193 23.29 10.83 9.24
C SER F 193 22.28 9.98 10.01
N LEU F 194 22.73 8.86 10.56
CA LEU F 194 21.81 7.89 11.17
C LEU F 194 21.03 8.45 12.36
N GLY F 195 21.64 9.36 13.11
CA GLY F 195 20.98 9.97 14.25
C GLY F 195 20.16 11.22 13.96
N THR F 196 20.29 11.77 12.75
CA THR F 196 19.56 12.99 12.37
C THR F 196 18.54 12.81 11.24
N GLN F 197 18.64 11.68 10.52
CA GLN F 197 17.81 11.40 9.34
C GLN F 197 17.10 10.05 9.53
N THR F 198 15.82 9.99 9.17
CA THR F 198 15.10 8.73 9.17
C THR F 198 15.17 8.14 7.76
N TYR F 199 15.15 6.82 7.67
CA TYR F 199 15.21 6.13 6.38
C TYR F 199 14.03 5.19 6.25
N ILE F 200 13.17 5.47 5.27
CA ILE F 200 11.97 4.69 5.03
C ILE F 200 11.99 4.20 3.59
N CYS F 201 11.83 2.89 3.39
CA CYS F 201 11.63 2.37 2.05
C CYS F 201 10.14 2.31 1.73
N ASN F 202 9.81 2.75 0.52
CA ASN F 202 8.42 2.79 0.06
C ASN F 202 8.28 1.76 -1.04
N VAL F 203 7.62 0.66 -0.70
CA VAL F 203 7.46 -0.46 -1.61
C VAL F 203 6.07 -0.39 -2.25
N ASN F 204 6.02 -0.45 -3.58
CA ASN F 204 4.75 -0.47 -4.31
C ASN F 204 4.68 -1.77 -5.09
N HIS F 205 3.58 -2.48 -4.93
CA HIS F 205 3.29 -3.69 -5.69
C HIS F 205 1.97 -3.48 -6.42
N LYS F 206 2.08 -2.92 -7.62
CA LYS F 206 0.91 -2.53 -8.39
C LYS F 206 -0.06 -3.69 -8.66
N PRO F 207 0.47 -4.90 -8.92
CA PRO F 207 -0.47 -6.01 -9.16
C PRO F 207 -1.49 -6.30 -8.03
N SER F 208 -1.14 -5.98 -6.77
CA SER F 208 -2.06 -6.11 -5.63
C SER F 208 -2.55 -4.76 -5.10
N ASN F 209 -2.20 -3.69 -5.82
CA ASN F 209 -2.48 -2.32 -5.40
C ASN F 209 -2.10 -2.05 -3.95
N THR F 210 -0.94 -2.56 -3.56
CA THR F 210 -0.46 -2.50 -2.19
C THR F 210 0.80 -1.65 -2.08
N LYS F 211 0.80 -0.74 -1.11
CA LYS F 211 1.99 0.02 -0.78
C LYS F 211 2.35 -0.27 0.68
N VAL F 212 3.64 -0.51 0.92
CA VAL F 212 4.16 -0.75 2.27
C VAL F 212 5.32 0.19 2.51
N ASP F 213 5.28 0.92 3.62
CA ASP F 213 6.39 1.76 4.02
C ASP F 213 7.06 1.07 5.19
N LYS F 214 8.38 1.06 5.20
CA LYS F 214 9.10 0.45 6.31
C LYS F 214 10.25 1.36 6.75
N LYS F 215 10.17 1.82 7.98
CA LYS F 215 11.26 2.58 8.59
C LYS F 215 12.37 1.62 8.98
N VAL F 216 13.59 1.91 8.53
CA VAL F 216 14.75 1.07 8.81
C VAL F 216 15.69 1.78 9.77
N GLU F 217 15.94 1.18 10.92
CA GLU F 217 16.76 1.84 11.92
C GLU F 217 17.72 0.86 12.58
N PRO F 218 18.75 1.39 13.26
CA PRO F 218 19.65 0.51 13.98
C PRO F 218 18.89 -0.38 14.95
N LYS F 219 19.31 -1.64 15.05
CA LYS F 219 18.75 -2.56 16.03
C LYS F 219 19.46 -2.31 17.37
N SER F 220 19.40 -3.26 18.29
CA SER F 220 20.06 -3.13 19.60
C SER F 220 21.37 -3.91 19.64
N CYS F 221 21.33 -5.17 19.21
CA CYS F 221 22.55 -5.98 19.09
C CYS F 221 23.05 -5.96 17.65
#